data_3B5Q
#
_entry.id   3B5Q
#
_cell.length_a   106.275
_cell.length_b   106.275
_cell.length_c   111.680
_cell.angle_alpha   90.000
_cell.angle_beta   90.000
_cell.angle_gamma   90.000
#
_symmetry.space_group_name_H-M   'P 41'
#
loop_
_entity.id
_entity.type
_entity.pdbx_description
1 polymer 'Putative sulfatase yidJ'
2 non-polymer 'ZINC ION'
3 non-polymer 'CHLORIDE ION'
4 non-polymer 1,2-ETHANEDIOL
5 non-polymer DI(HYDROXYETHYL)ETHER
6 non-polymer '4-(2-HYDROXYETHYL)-1-PIPERAZINE ETHANESULFONIC ACID'
7 water water
#
_entity_poly.entity_id   1
_entity_poly.type   'polypeptide(L)'
_entity_poly.pdbx_seq_one_letter_code
;G(MSE)GLALCGAAAQAQEKPNFLIIQCDHLTQRVVGAYGQTQGCTLPIDEVASRGVIFSNAYVGCPLSQPSRAALWSG
(MSE)(MSE)PHQTNVRSNSSEPVNTRLPENVPTLGSLFSESGYEAVHFGKTHD(MSE)GSLRGFKHKEPVAKPFTDPEF
PVNNDSFLDVGTCEDAVAYLSNPPKEPFICIADFQNPHNICGFIGENAGVHTDRPISGPLPELPDNFDVEDWSNIPTPVQ
YICCSHRR(MSE)TQAAHWNEENYRHYIAAFQHYTK(MSE)VSKQVDSVLKALYSTPAGRNTIVVI(MSE)ADHGDG
(MSE)ASHR(MSE)VTKHISFYDE(MSE)TNVPFIFAGPGIKQQKKPVDHLLTQPTLDLLPTLCDLAGIAVPAEKAGISL
APTLRGEKQKKSHPYVVSEWHSEYEYVTTPGR(MSE)VRGPRYKYTHYLEGNGEELYD(MSE)KKDPGERKNLAKDPKYS
KILAEHRALLDDYITRSKDDYRSLKVDADPRCRNHTPGYPSHEGPGAREILKRK
;
_entity_poly.pdbx_strand_id   A,B
#
loop_
_chem_comp.id
_chem_comp.type
_chem_comp.name
_chem_comp.formula
CL non-polymer 'CHLORIDE ION' 'Cl -1'
EDO non-polymer 1,2-ETHANEDIOL 'C2 H6 O2'
EPE non-polymer '4-(2-HYDROXYETHYL)-1-PIPERAZINE ETHANESULFONIC ACID' 'C8 H18 N2 O4 S'
PEG non-polymer DI(HYDROXYETHYL)ETHER 'C4 H10 O3'
ZN non-polymer 'ZINC ION' 'Zn 2'
#
# COMPACT_ATOMS: atom_id res chain seq x y z
N GLU A 15 15.48 6.99 36.20
CA GLU A 15 14.84 8.35 36.27
C GLU A 15 14.59 8.98 34.90
N LYS A 16 15.12 10.19 34.70
CA LYS A 16 15.19 10.82 33.37
C LYS A 16 16.23 10.02 32.57
N PRO A 17 15.98 9.82 31.26
CA PRO A 17 16.86 8.96 30.49
C PRO A 17 18.16 9.64 30.06
N ASN A 18 19.22 8.85 29.93
CA ASN A 18 20.44 9.27 29.25
C ASN A 18 20.28 9.00 27.75
N PHE A 19 21.12 9.61 26.92
CA PHE A 19 21.10 9.36 25.48
C PHE A 19 22.52 9.13 24.97
N LEU A 20 22.65 8.19 24.04
CA LEU A 20 23.91 7.88 23.37
C LEU A 20 23.59 7.86 21.87
N ILE A 21 24.06 8.87 21.14
CA ILE A 21 23.89 8.96 19.67
C ILE A 21 25.17 8.50 18.99
N ILE A 22 25.09 7.40 18.26
CA ILE A 22 26.22 6.85 17.54
C ILE A 22 25.93 7.11 16.07
N GLN A 23 26.76 7.92 15.45
CA GLN A 23 26.58 8.27 14.06
C GLN A 23 27.85 7.87 13.28
N CYS A 24 27.64 7.33 12.06
CA CYS A 24 28.70 6.84 11.18
C CYS A 24 28.62 7.50 9.82
N ASP A 25 29.76 7.90 9.29
CA ASP A 25 29.81 8.63 8.03
C ASP A 25 29.74 7.58 6.91
N HIS A 26 28.76 7.68 5.99
CA HIS A 26 28.66 6.79 4.81
C HIS A 26 27.89 5.51 5.06
N LEU A 27 27.52 5.23 6.31
CA LEU A 27 26.80 3.99 6.63
C LEU A 27 25.43 3.93 5.95
N THR A 28 25.16 2.77 5.36
CA THR A 28 24.00 2.54 4.53
C THR A 28 23.10 1.44 5.14
N GLN A 29 21.82 1.49 4.78
CA GLN A 29 20.85 0.53 5.20
C GLN A 29 21.24 -0.83 4.65
N ARG A 30 21.61 -0.88 3.38
CA ARG A 30 21.95 -2.16 2.72
C ARG A 30 23.00 -3.00 3.45
N VAL A 31 23.98 -2.34 4.04
CA VAL A 31 25.05 -2.99 4.74
C VAL A 31 24.66 -3.39 6.13
N VAL A 32 23.68 -2.71 6.71
CA VAL A 32 23.24 -2.97 8.09
C VAL A 32 22.23 -4.13 8.15
N GLY A 33 22.59 -5.20 8.87
CA GLY A 33 21.86 -6.49 8.87
C GLY A 33 20.41 -6.38 9.29
N ALA A 34 20.15 -5.48 10.23
CA ALA A 34 18.79 -5.14 10.68
C ALA A 34 17.82 -4.84 9.54
N TYR A 35 18.30 -4.23 8.45
CA TYR A 35 17.46 -3.94 7.28
C TYR A 35 17.33 -5.13 6.30
N GLY A 36 17.99 -6.23 6.57
CA GLY A 36 17.63 -7.45 5.86
C GLY A 36 18.26 -7.76 4.52
N GLN A 37 19.24 -6.97 4.08
CA GLN A 37 19.93 -7.23 2.80
C GLN A 37 21.32 -7.88 2.91
N THR A 38 22.09 -7.59 3.95
CA THR A 38 23.46 -8.05 4.08
C THR A 38 23.61 -8.69 5.45
N GLN A 39 24.21 -9.87 5.51
CA GLN A 39 24.46 -10.47 6.81
C GLN A 39 25.93 -10.26 7.13
N GLY A 40 26.25 -10.22 8.43
CA GLY A 40 27.64 -10.30 8.90
C GLY A 40 28.48 -9.04 9.10
N CYS A 41 27.96 -7.86 8.80
CA CYS A 41 28.77 -6.62 8.84
C CYS A 41 28.53 -5.74 10.04
N THR A 42 27.37 -5.86 10.68
CA THR A 42 26.95 -4.92 11.74
C THR A 42 26.22 -5.63 12.87
N LEU A 43 26.68 -6.80 13.27
CA LEU A 43 25.99 -7.55 14.32
C LEU A 43 25.66 -6.74 15.55
N PRO A 44 26.62 -5.97 16.10
CA PRO A 44 26.32 -5.15 17.27
C PRO A 44 25.23 -4.10 17.09
N ILE A 45 25.06 -3.60 15.88
CA ILE A 45 24.00 -2.61 15.59
C ILE A 45 22.67 -3.31 15.50
N ASP A 46 22.70 -4.50 14.94
CA ASP A 46 21.51 -5.33 14.78
C ASP A 46 20.98 -5.81 16.10
N GLU A 47 21.86 -6.00 17.07
CA GLU A 47 21.45 -6.43 18.43
C GLU A 47 20.75 -5.28 19.16
N VAL A 48 21.24 -4.05 19.00
CA VAL A 48 20.48 -2.87 19.47
C VAL A 48 19.10 -2.73 18.78
N ALA A 49 19.09 -2.83 17.46
CA ALA A 49 17.90 -2.76 16.65
C ALA A 49 16.83 -3.79 17.08
N SER A 50 17.25 -5.03 17.29
CA SER A 50 16.36 -6.07 17.78
C SER A 50 15.67 -5.76 19.10
N ARG A 51 16.30 -4.97 19.97
CA ARG A 51 15.66 -4.52 21.20
C ARG A 51 14.73 -3.34 21.01
N GLY A 52 14.68 -2.80 19.80
CA GLY A 52 14.06 -1.51 19.61
C GLY A 52 13.39 -1.47 18.29
N VAL A 53 13.49 -0.29 17.64
CA VAL A 53 12.75 0.08 16.42
C VAL A 53 13.72 0.60 15.37
N ILE A 54 13.48 0.25 14.09
CA ILE A 54 14.16 0.83 12.92
C ILE A 54 13.17 1.34 11.88
N PHE A 55 13.49 2.51 11.32
CA PHE A 55 12.69 3.12 10.26
C PHE A 55 13.26 2.82 8.88
N SER A 56 12.37 2.43 7.96
CA SER A 56 12.74 2.05 6.59
C SER A 56 12.89 3.27 5.71
N ASN A 57 12.15 4.34 6.03
CA ASN A 57 12.24 5.61 5.29
C ASN A 57 12.77 6.74 6.16
N ALA A 58 14.07 6.98 6.06
CA ALA A 58 14.78 7.90 6.92
C ALA A 58 15.66 8.78 6.05
N TYR A 59 15.09 9.84 5.47
CA TYR A 59 15.83 10.65 4.49
C TYR A 59 16.56 11.85 5.09
N VAL A 60 17.83 11.99 4.74
CA VAL A 60 18.62 13.12 5.18
C VAL A 60 18.42 14.28 4.21
N GLY A 61 18.43 15.49 4.76
CA GLY A 61 18.21 16.68 3.98
C GLY A 61 19.30 17.04 2.98
N CYS A 62 20.42 16.33 2.98
CA CYS A 62 21.47 16.54 1.99
C CYS A 62 22.49 15.41 2.07
N PRO A 63 22.79 14.78 0.92
CA PRO A 63 23.77 13.70 0.92
C PRO A 63 25.22 14.20 0.88
N LEU A 64 25.61 14.99 1.90
CA LEU A 64 26.96 15.51 2.06
C LEU A 64 27.18 15.82 3.54
N SER A 65 28.40 15.62 4.03
CA SER A 65 28.67 15.65 5.46
C SER A 65 28.31 16.95 6.18
N GLN A 66 28.84 18.06 5.73
CA GLN A 66 28.71 19.29 6.51
C GLN A 66 27.28 19.81 6.47
N PRO A 67 26.68 19.83 5.29
CA PRO A 67 25.28 20.23 5.30
C PRO A 67 24.36 19.35 6.17
N SER A 68 24.48 18.02 6.05
CA SER A 68 23.63 17.14 6.83
C SER A 68 23.84 17.37 8.33
N ARG A 69 25.07 17.54 8.76
CA ARG A 69 25.40 17.75 10.17
C ARG A 69 25.01 19.11 10.72
N ALA A 70 25.30 20.18 9.98
CA ALA A 70 24.74 21.49 10.26
C ALA A 70 23.24 21.41 10.45
N ALA A 71 22.55 20.76 9.52
CA ALA A 71 21.08 20.67 9.53
C ALA A 71 20.59 19.83 10.71
N LEU A 72 21.24 18.70 10.93
CA LEU A 72 20.83 17.73 11.93
C LEU A 72 20.80 18.29 13.35
N TRP A 73 21.90 18.86 13.82
CA TRP A 73 22.00 19.20 15.22
C TRP A 73 21.28 20.53 15.56
N SER A 74 20.87 21.27 14.53
CA SER A 74 20.01 22.49 14.72
C SER A 74 18.53 22.22 14.36
N GLY A 75 18.26 21.04 13.81
CA GLY A 75 16.90 20.66 13.49
C GLY A 75 16.29 21.41 12.35
N MSE A 76 17.11 21.75 11.35
CA MSE A 76 16.68 22.57 10.21
C MSE A 76 17.06 21.93 8.89
O MSE A 76 17.73 20.88 8.88
CB MSE A 76 17.33 23.94 10.23
CG MSE A 76 17.57 24.50 11.62
SE MSE A 76 17.97 26.39 11.49
CE MSE A 76 19.20 26.66 12.98
N MSE A 77 16.65 22.57 7.79
CA MSE A 77 17.11 22.20 6.44
C MSE A 77 18.32 23.03 6.02
O MSE A 77 18.57 24.07 6.60
CB MSE A 77 15.97 22.34 5.43
CG MSE A 77 14.83 21.32 5.70
SE MSE A 77 15.40 19.43 5.50
CE MSE A 77 14.96 19.25 3.58
N PRO A 78 19.12 22.51 5.08
CA PRO A 78 20.33 23.22 4.61
C PRO A 78 20.15 24.63 4.02
N HIS A 79 19.07 24.87 3.28
CA HIS A 79 18.89 26.20 2.73
C HIS A 79 18.61 27.17 3.85
N GLN A 80 18.13 26.67 4.99
CA GLN A 80 17.90 27.48 6.19
C GLN A 80 19.14 27.74 7.09
N THR A 81 20.03 26.77 7.24
CA THR A 81 21.28 27.00 7.97
C THR A 81 22.29 27.83 7.12
N ASN A 82 22.05 27.83 5.81
CA ASN A 82 23.03 28.24 4.81
C ASN A 82 24.39 27.57 4.92
N VAL A 83 24.35 26.27 5.18
CA VAL A 83 25.48 25.38 5.00
C VAL A 83 25.00 24.36 4.00
N ARG A 84 25.38 24.60 2.76
CA ARG A 84 24.88 23.87 1.62
C ARG A 84 25.98 23.13 0.92
N SER A 85 27.19 23.18 1.46
CA SER A 85 28.29 22.41 0.92
C SER A 85 29.33 22.17 1.99
N ASN A 86 30.45 21.58 1.59
CA ASN A 86 31.56 21.32 2.49
C ASN A 86 32.54 22.48 2.58
N SER A 87 32.27 23.54 1.82
CA SER A 87 33.06 24.78 1.86
C SER A 87 32.87 25.50 3.17
N SER A 88 33.90 26.22 3.58
CA SER A 88 33.86 26.99 4.79
C SER A 88 33.19 28.35 4.54
N GLU A 89 33.15 29.21 5.57
CA GLU A 89 32.82 30.64 5.39
C GLU A 89 33.82 31.24 4.41
N PRO A 90 33.38 32.26 3.63
CA PRO A 90 32.09 32.96 3.59
C PRO A 90 31.03 32.35 2.68
N VAL A 91 31.39 31.36 1.85
CA VAL A 91 30.38 30.71 0.98
C VAL A 91 29.22 30.15 1.82
N ASN A 92 29.57 29.42 2.88
CA ASN A 92 28.60 28.92 3.86
C ASN A 92 28.69 29.76 5.12
N THR A 93 27.63 29.78 5.92
CA THR A 93 27.60 30.59 7.16
C THR A 93 27.49 29.73 8.41
N ARG A 94 28.32 30.00 9.41
CA ARG A 94 28.19 29.30 10.69
C ARG A 94 26.90 29.63 11.40
N LEU A 95 26.43 28.68 12.18
CA LEU A 95 25.17 28.83 12.86
C LEU A 95 25.34 29.90 13.92
N PRO A 96 24.47 30.93 13.88
CA PRO A 96 24.49 31.92 14.95
C PRO A 96 24.12 31.36 16.32
N GLU A 97 24.71 31.95 17.36
CA GLU A 97 24.53 31.49 18.71
C GLU A 97 23.16 31.75 19.32
N ASN A 98 22.27 32.42 18.57
CA ASN A 98 20.91 32.63 19.02
C ASN A 98 19.94 31.58 18.50
N VAL A 99 20.45 30.65 17.67
CA VAL A 99 19.62 29.59 17.16
C VAL A 99 19.66 28.38 18.12
N PRO A 100 18.47 27.89 18.56
CA PRO A 100 18.50 26.74 19.46
C PRO A 100 18.94 25.45 18.76
N THR A 101 19.56 24.59 19.54
CA THR A 101 20.37 23.55 19.02
C THR A 101 20.12 22.34 19.94
N LEU A 102 20.31 21.14 19.43
CA LEU A 102 20.12 19.98 20.29
C LEU A 102 20.86 20.20 21.59
N GLY A 103 22.12 20.59 21.47
CA GLY A 103 22.96 20.76 22.64
C GLY A 103 22.59 21.89 23.58
N SER A 104 22.08 22.99 23.05
CA SER A 104 21.68 24.12 23.91
C SER A 104 20.39 23.76 24.64
N LEU A 105 19.46 23.18 23.89
CA LEU A 105 18.22 22.73 24.47
C LEU A 105 18.50 21.77 25.65
N PHE A 106 19.33 20.78 25.43
CA PHE A 106 19.67 19.80 26.48
C PHE A 106 20.52 20.34 27.61
N SER A 107 21.51 21.12 27.26
CA SER A 107 22.40 21.75 28.22
C SER A 107 21.63 22.72 29.12
N GLU A 108 20.76 23.53 28.53
CA GLU A 108 19.95 24.48 29.30
C GLU A 108 18.92 23.81 30.20
N SER A 109 18.57 22.56 29.92
CA SER A 109 17.71 21.79 30.79
C SER A 109 18.40 21.05 31.90
N GLY A 110 19.73 21.13 32.01
CA GLY A 110 20.44 20.38 33.07
C GLY A 110 21.04 19.03 32.70
N TYR A 111 21.01 18.66 31.42
CA TYR A 111 21.77 17.48 30.98
C TYR A 111 23.21 17.86 30.79
N GLU A 112 24.12 16.93 31.09
CA GLU A 112 25.52 17.04 30.65
C GLU A 112 25.58 16.56 29.20
N ALA A 113 26.14 17.38 28.33
CA ALA A 113 26.15 17.13 26.90
C ALA A 113 27.60 17.07 26.40
N VAL A 114 28.03 15.89 25.97
CA VAL A 114 29.42 15.65 25.52
C VAL A 114 29.43 15.10 24.09
N HIS A 115 30.44 15.48 23.30
CA HIS A 115 30.56 15.03 21.93
C HIS A 115 31.98 14.50 21.67
N PHE A 116 32.06 13.33 21.02
CA PHE A 116 33.33 12.75 20.62
C PHE A 116 33.35 12.50 19.14
N GLY A 117 34.54 12.62 18.53
CA GLY A 117 34.71 12.30 17.13
C GLY A 117 34.51 13.43 16.14
N LYS A 118 34.00 13.09 14.96
CA LYS A 118 33.92 14.00 13.86
C LYS A 118 32.92 15.11 14.16
N THR A 119 33.30 16.36 13.86
CA THR A 119 32.42 17.49 14.13
C THR A 119 31.79 17.94 12.82
N HIS A 120 32.50 18.75 12.03
CA HIS A 120 32.09 19.14 10.65
C HIS A 120 30.67 19.74 10.66
N ASP A 121 30.42 20.54 11.68
CA ASP A 121 29.06 20.91 12.07
C ASP A 121 28.72 22.34 11.81
N MSE A 122 29.75 23.18 11.58
CA MSE A 122 29.58 24.63 11.36
C MSE A 122 28.79 25.35 12.45
O MSE A 122 27.96 26.21 12.13
CB MSE A 122 28.90 24.91 10.01
CG MSE A 122 29.75 24.60 8.83
SE MSE A 122 31.08 26.01 8.53
CE MSE A 122 30.02 27.23 7.41
N GLY A 123 29.03 25.02 13.71
CA GLY A 123 28.34 25.68 14.83
C GLY A 123 27.11 25.00 15.37
N SER A 124 26.53 24.06 14.61
CA SER A 124 25.32 23.36 15.03
CA SER A 124 25.33 23.34 15.01
C SER A 124 25.53 22.48 16.26
N LEU A 125 26.78 22.15 16.56
CA LEU A 125 27.11 21.41 17.79
C LEU A 125 27.17 22.25 19.04
N ARG A 126 26.85 23.53 18.94
CA ARG A 126 26.87 24.43 20.10
CA ARG A 126 26.91 24.42 20.09
C ARG A 126 26.08 23.89 21.26
N GLY A 127 26.67 23.93 22.45
CA GLY A 127 26.03 23.41 23.64
C GLY A 127 26.58 22.06 24.06
N PHE A 128 27.21 21.34 23.13
CA PHE A 128 27.97 20.14 23.46
C PHE A 128 29.39 20.48 23.90
N LYS A 129 29.88 19.83 24.95
CA LYS A 129 31.33 19.91 25.28
C LYS A 129 32.06 18.91 24.36
N HIS A 130 32.88 19.40 23.46
CA HIS A 130 33.48 18.55 22.47
C HIS A 130 34.89 18.14 22.90
N LYS A 131 35.26 16.87 22.72
CA LYS A 131 36.67 16.48 22.83
C LYS A 131 37.17 15.91 21.51
N GLU A 132 38.33 16.41 21.10
CA GLU A 132 38.91 16.07 19.81
C GLU A 132 39.63 14.73 19.93
N PRO A 133 39.30 13.79 19.03
CA PRO A 133 40.03 12.55 19.11
C PRO A 133 41.44 12.72 18.58
N VAL A 134 42.32 11.82 19.01
CA VAL A 134 43.70 11.78 18.58
C VAL A 134 43.88 10.51 17.73
N ALA A 135 44.37 10.65 16.51
CA ALA A 135 44.57 9.51 15.61
C ALA A 135 45.55 8.50 16.20
N LYS A 136 45.17 7.22 16.20
CA LYS A 136 45.99 6.13 16.69
C LYS A 136 46.19 5.14 15.55
N PRO A 137 47.32 5.27 14.82
CA PRO A 137 47.55 4.51 13.63
C PRO A 137 47.84 3.01 13.79
N PHE A 138 47.57 2.26 12.74
CA PHE A 138 47.71 0.83 12.77
C PHE A 138 47.75 0.34 11.34
N THR A 139 48.19 -0.88 11.17
CA THR A 139 48.40 -1.43 9.86
C THR A 139 47.31 -2.46 9.63
N ASP A 140 46.61 -2.34 8.50
CA ASP A 140 45.67 -3.35 8.03
C ASP A 140 46.36 -4.13 6.90
N PRO A 141 46.37 -5.47 7.01
CA PRO A 141 46.98 -6.34 6.00
C PRO A 141 46.25 -6.51 4.67
N GLU A 142 44.95 -6.19 4.57
CA GLU A 142 44.19 -6.36 3.32
C GLU A 142 43.68 -5.07 2.68
N PHE A 143 43.30 -4.09 3.48
CA PHE A 143 42.70 -2.87 2.92
C PHE A 143 43.43 -1.62 3.37
N PRO A 144 43.51 -0.60 2.49
CA PRO A 144 44.09 0.66 2.89
C PRO A 144 43.35 1.31 4.06
N VAL A 145 44.07 1.65 5.11
CA VAL A 145 43.52 2.42 6.18
C VAL A 145 44.24 3.78 6.27
N ASN A 146 43.51 4.84 6.65
CA ASN A 146 44.10 6.17 6.80
C ASN A 146 43.59 6.88 8.07
N ASN A 147 43.82 8.17 8.18
CA ASN A 147 43.45 8.94 9.35
C ASN A 147 41.96 8.83 9.76
N ASP A 148 41.08 8.54 8.83
CA ASP A 148 39.66 8.30 9.15
C ASP A 148 39.54 7.15 10.13
N SER A 149 40.10 6.00 9.76
CA SER A 149 40.15 4.82 10.61
C SER A 149 40.93 5.09 11.91
N PHE A 150 42.00 5.87 11.82
CA PHE A 150 42.86 6.09 12.96
C PHE A 150 42.21 7.02 13.96
N LEU A 151 41.53 8.04 13.48
CA LEU A 151 40.80 8.94 14.38
C LEU A 151 39.75 8.16 15.13
N ASP A 152 39.11 7.18 14.49
CA ASP A 152 38.07 6.38 15.14
C ASP A 152 38.55 5.55 16.31
N VAL A 153 39.81 5.15 16.28
CA VAL A 153 40.37 4.45 17.42
C VAL A 153 40.40 5.40 18.63
N GLY A 154 40.73 6.65 18.37
CA GLY A 154 40.72 7.66 19.40
C GLY A 154 39.34 8.00 19.90
N THR A 155 38.41 8.21 18.97
CA THR A 155 37.00 8.48 19.29
C THR A 155 36.43 7.41 20.17
N CYS A 156 36.73 6.16 19.84
CA CYS A 156 36.26 5.02 20.60
C CYS A 156 36.85 4.99 22.01
N GLU A 157 38.14 5.25 22.14
CA GLU A 157 38.78 5.36 23.45
C GLU A 157 38.18 6.47 24.31
N ASP A 158 37.83 7.60 23.69
CA ASP A 158 37.25 8.71 24.40
C ASP A 158 35.88 8.34 24.93
N ALA A 159 35.02 7.81 24.07
CA ALA A 159 33.65 7.50 24.46
C ALA A 159 33.63 6.37 25.48
N VAL A 160 34.51 5.40 25.31
CA VAL A 160 34.61 4.29 26.25
C VAL A 160 34.98 4.78 27.64
N ALA A 161 35.94 5.65 27.71
CA ALA A 161 36.39 6.19 28.99
C ALA A 161 35.28 7.02 29.65
N TYR A 162 34.53 7.77 28.85
CA TYR A 162 33.45 8.61 29.37
C TYR A 162 32.29 7.78 29.95
N LEU A 163 31.82 6.81 29.17
CA LEU A 163 30.69 5.97 29.52
C LEU A 163 31.02 4.92 30.57
N SER A 164 32.31 4.65 30.76
CA SER A 164 32.76 3.70 31.76
C SER A 164 32.78 4.38 33.08
N ASN A 165 32.65 5.69 33.07
CA ASN A 165 32.54 6.41 34.33
C ASN A 165 31.96 7.81 34.21
N PRO A 166 30.61 7.90 34.13
CA PRO A 166 29.98 9.20 34.26
C PRO A 166 29.68 9.41 35.75
N PRO A 167 30.21 10.48 36.39
CA PRO A 167 30.47 11.86 36.00
C PRO A 167 30.01 12.26 34.61
N LYS A 168 28.68 12.27 34.38
CA LYS A 168 27.62 11.98 35.39
C LYS A 168 26.24 12.08 34.72
N GLU A 169 25.16 12.01 35.50
CA GLU A 169 23.81 11.85 34.95
C GLU A 169 22.84 12.97 35.34
N PRO A 170 21.79 13.20 34.52
CA PRO A 170 21.53 12.66 33.17
C PRO A 170 22.44 13.24 32.08
N PHE A 171 22.91 12.39 31.16
CA PHE A 171 23.78 12.84 30.08
C PHE A 171 23.18 12.60 28.69
N ILE A 172 23.71 13.32 27.71
CA ILE A 172 23.50 13.00 26.31
C ILE A 172 24.93 12.98 25.70
N CYS A 173 25.23 11.93 24.96
CA CYS A 173 26.56 11.70 24.45
C CYS A 173 26.48 11.36 22.97
N ILE A 174 27.32 12.01 22.15
CA ILE A 174 27.42 11.70 20.73
C ILE A 174 28.80 11.11 20.45
N ALA A 175 28.84 9.96 19.78
CA ALA A 175 30.06 9.37 19.24
C ALA A 175 29.95 9.42 17.72
N ASP A 176 30.72 10.32 17.11
CA ASP A 176 30.64 10.58 15.69
C ASP A 176 31.84 9.88 15.01
N PHE A 177 31.60 8.66 14.49
CA PHE A 177 32.66 7.87 13.81
C PHE A 177 32.84 8.21 12.33
N GLN A 178 34.06 8.07 11.87
CA GLN A 178 34.39 8.36 10.48
C GLN A 178 33.98 7.23 9.57
N ASN A 179 34.30 5.99 9.95
CA ASN A 179 33.99 4.89 9.07
C ASN A 179 32.49 4.65 8.88
N PRO A 180 32.12 4.13 7.70
CA PRO A 180 32.99 3.68 6.59
C PRO A 180 33.49 4.69 5.54
N HIS A 181 33.57 5.98 5.88
CA HIS A 181 34.23 7.00 5.05
C HIS A 181 35.61 6.62 4.44
N ASN A 182 36.38 5.76 5.11
CA ASN A 182 37.69 5.29 4.57
C ASN A 182 37.57 4.64 3.20
N ILE A 183 36.37 4.32 2.83
CA ILE A 183 36.12 3.88 1.45
C ILE A 183 36.65 4.87 0.42
N CYS A 184 36.61 6.17 0.73
CA CYS A 184 37.12 7.20 -0.19
C CYS A 184 38.62 7.03 -0.45
N GLY A 185 39.37 6.74 0.59
CA GLY A 185 40.79 6.50 0.51
C GLY A 185 41.05 5.28 -0.35
N PHE A 186 40.24 4.23 -0.19
CA PHE A 186 40.31 3.03 -1.05
C PHE A 186 40.22 3.39 -2.53
N ILE A 187 39.28 4.26 -2.86
CA ILE A 187 39.01 4.59 -4.24
C ILE A 187 40.23 5.30 -4.81
N GLY A 188 40.79 6.21 -4.03
CA GLY A 188 42.01 6.91 -4.45
C GLY A 188 43.19 5.97 -4.69
N GLU A 189 43.36 4.97 -3.85
CA GLU A 189 44.38 3.96 -4.03
C GLU A 189 44.10 3.01 -5.19
N ASN A 190 42.88 3.03 -5.72
CA ASN A 190 42.49 2.09 -6.76
C ASN A 190 41.91 2.87 -7.92
N ALA A 191 42.34 4.13 -8.07
CA ALA A 191 41.85 5.01 -9.12
C ALA A 191 42.21 4.47 -10.50
N GLY A 192 41.32 4.63 -11.45
CA GLY A 192 41.57 4.27 -12.84
C GLY A 192 41.54 2.79 -13.15
N VAL A 193 41.88 2.48 -14.40
CA VAL A 193 41.99 1.10 -14.84
C VAL A 193 43.07 0.39 -14.01
N HIS A 194 42.74 -0.80 -13.50
CA HIS A 194 43.63 -1.46 -12.54
C HIS A 194 43.23 -2.90 -12.28
N THR A 195 44.18 -3.68 -11.79
CA THR A 195 43.91 -5.04 -11.29
C THR A 195 43.84 -4.95 -9.76
N ASP A 196 42.86 -5.61 -9.17
CA ASP A 196 42.56 -5.39 -7.78
C ASP A 196 43.51 -6.20 -6.96
N ARG A 197 43.89 -5.66 -5.81
CA ARG A 197 44.64 -6.40 -4.83
C ARG A 197 43.77 -7.56 -4.28
N PRO A 198 44.30 -8.80 -4.32
CA PRO A 198 43.56 -9.96 -3.84
C PRO A 198 43.13 -9.82 -2.39
N ILE A 199 41.94 -10.34 -2.09
CA ILE A 199 41.44 -10.33 -0.73
C ILE A 199 41.04 -11.75 -0.39
N SER A 200 40.86 -12.03 0.89
CA SER A 200 40.62 -13.38 1.33
C SER A 200 39.12 -13.68 1.42
N GLY A 201 38.30 -12.64 1.46
CA GLY A 201 36.85 -12.85 1.59
C GLY A 201 36.23 -13.44 0.34
N PRO A 202 34.93 -13.79 0.42
CA PRO A 202 34.13 -13.89 -0.80
C PRO A 202 33.88 -12.48 -1.31
N LEU A 203 33.84 -12.33 -2.62
CA LEU A 203 33.64 -11.04 -3.25
C LEU A 203 32.16 -10.82 -3.34
N PRO A 204 31.65 -9.67 -2.85
CA PRO A 204 30.22 -9.42 -3.06
C PRO A 204 29.81 -9.18 -4.52
N GLU A 205 28.61 -9.65 -4.86
CA GLU A 205 27.99 -9.42 -6.15
C GLU A 205 27.60 -7.99 -6.31
N LEU A 206 27.54 -7.54 -7.56
CA LEU A 206 27.08 -6.21 -7.89
C LEU A 206 25.60 -6.12 -7.56
N PRO A 207 25.09 -4.92 -7.26
CA PRO A 207 23.65 -4.74 -7.01
C PRO A 207 22.81 -4.81 -8.29
N ASP A 208 21.52 -5.13 -8.15
CA ASP A 208 20.63 -5.29 -9.30
C ASP A 208 20.46 -3.97 -10.04
N ASN A 209 20.64 -2.87 -9.33
CA ASN A 209 20.55 -1.57 -9.95
C ASN A 209 21.94 -0.95 -10.38
N PHE A 210 22.97 -1.80 -10.45
CA PHE A 210 24.32 -1.38 -10.88
C PHE A 210 24.35 -0.52 -12.14
N ASP A 211 23.81 -1.04 -13.21
CA ASP A 211 23.87 -0.35 -14.49
C ASP A 211 22.81 0.72 -14.65
N VAL A 212 23.20 1.78 -15.37
CA VAL A 212 22.28 2.77 -15.86
C VAL A 212 21.78 2.34 -17.27
N GLU A 213 20.49 1.95 -17.39
CA GLU A 213 19.95 1.43 -18.68
C GLU A 213 19.92 2.48 -19.80
N ASP A 214 19.51 3.71 -19.52
CA ASP A 214 19.48 4.76 -20.56
C ASP A 214 19.98 6.12 -20.03
N TRP A 215 21.20 6.51 -20.41
CA TRP A 215 21.80 7.80 -19.93
C TRP A 215 21.08 9.04 -20.43
N SER A 216 20.35 8.92 -21.54
CA SER A 216 19.59 10.05 -22.12
C SER A 216 18.44 10.46 -21.22
N ASN A 217 18.06 9.55 -20.32
CA ASN A 217 16.87 9.66 -19.46
C ASN A 217 17.21 9.95 -17.97
N ILE A 218 18.41 10.45 -17.71
CA ILE A 218 18.72 10.99 -16.38
C ILE A 218 19.26 12.40 -16.59
N PRO A 219 19.05 13.29 -15.61
CA PRO A 219 19.41 14.72 -15.70
C PRO A 219 20.90 15.02 -15.90
N THR A 220 21.17 16.20 -16.46
CA THR A 220 22.50 16.60 -16.85
C THR A 220 23.49 16.53 -15.69
N PRO A 221 23.13 17.08 -14.53
CA PRO A 221 24.14 16.99 -13.49
C PRO A 221 24.48 15.53 -13.08
N VAL A 222 23.51 14.61 -13.15
CA VAL A 222 23.77 13.19 -12.80
C VAL A 222 24.58 12.52 -13.92
N GLN A 223 24.30 12.91 -15.15
CA GLN A 223 25.06 12.43 -16.32
C GLN A 223 26.58 12.61 -16.18
N TYR A 224 26.99 13.69 -15.53
CA TYR A 224 28.37 14.11 -15.52
C TYR A 224 28.96 14.24 -14.12
N ILE A 225 28.45 13.44 -13.18
CA ILE A 225 29.09 13.26 -11.87
C ILE A 225 30.57 12.83 -12.04
N CYS A 226 30.88 12.07 -13.10
CA CYS A 226 32.28 11.71 -13.43
C CYS A 226 33.19 12.91 -13.70
N CYS A 227 32.58 14.04 -14.00
CA CYS A 227 33.33 15.27 -14.21
C CYS A 227 33.44 16.06 -12.92
N SER A 228 32.33 16.25 -12.22
CA SER A 228 32.29 17.11 -11.02
C SER A 228 32.76 16.47 -9.70
N HIS A 229 32.83 15.14 -9.66
CA HIS A 229 33.09 14.38 -8.42
C HIS A 229 34.38 13.59 -8.57
N ARG A 230 35.43 13.96 -7.83
CA ARG A 230 36.74 13.33 -8.03
C ARG A 230 36.71 11.83 -7.95
N ARG A 231 35.87 11.29 -7.08
CA ARG A 231 35.91 9.87 -6.85
C ARG A 231 35.19 9.11 -7.94
N MSE A 232 34.20 9.75 -8.56
CA MSE A 232 33.57 9.20 -9.76
C MSE A 232 34.57 9.24 -10.92
O MSE A 232 34.64 8.29 -11.72
CB MSE A 232 32.30 9.96 -10.12
CG MSE A 232 31.31 9.17 -10.98
SE MSE A 232 30.94 7.37 -10.25
CE MSE A 232 32.07 6.19 -11.40
N THR A 233 35.35 10.33 -11.01
CA THR A 233 36.45 10.43 -12.00
C THR A 233 37.39 9.23 -11.88
N GLN A 234 37.80 8.97 -10.65
CA GLN A 234 38.70 7.87 -10.35
C GLN A 234 38.11 6.51 -10.61
N ALA A 235 36.81 6.34 -10.40
CA ALA A 235 36.14 5.05 -10.64
C ALA A 235 35.46 4.94 -12.04
N ALA A 236 35.51 6.01 -12.84
CA ALA A 236 34.74 6.10 -14.09
C ALA A 236 34.93 4.90 -15.01
N HIS A 237 36.15 4.40 -15.14
CA HIS A 237 36.46 3.34 -16.10
C HIS A 237 36.67 1.98 -15.45
N TRP A 238 36.19 1.81 -14.21
CA TRP A 238 36.35 0.57 -13.49
C TRP A 238 35.55 -0.52 -14.16
N ASN A 239 36.04 -1.75 -14.07
CA ASN A 239 35.29 -2.91 -14.53
C ASN A 239 34.46 -3.52 -13.39
N GLU A 240 33.86 -4.69 -13.61
CA GLU A 240 32.95 -5.25 -12.59
C GLU A 240 33.71 -5.85 -11.41
N GLU A 241 34.86 -6.46 -11.66
CA GLU A 241 35.71 -6.88 -10.57
C GLU A 241 36.10 -5.71 -9.67
N ASN A 242 36.45 -4.59 -10.28
CA ASN A 242 36.83 -3.36 -9.56
C ASN A 242 35.76 -2.91 -8.59
N TYR A 243 34.53 -2.81 -9.10
CA TYR A 243 33.38 -2.38 -8.33
C TYR A 243 33.07 -3.39 -7.24
N ARG A 244 33.32 -4.67 -7.49
CA ARG A 244 33.03 -5.69 -6.49
C ARG A 244 34.04 -5.64 -5.35
N HIS A 245 35.29 -5.30 -5.67
CA HIS A 245 36.30 -5.04 -4.65
C HIS A 245 36.00 -3.76 -3.84
N TYR A 246 35.41 -2.77 -4.48
CA TYR A 246 34.95 -1.56 -3.80
C TYR A 246 33.90 -1.90 -2.72
N ILE A 247 33.02 -2.85 -3.03
CA ILE A 247 31.98 -3.27 -2.10
C ILE A 247 32.52 -4.12 -0.95
N ALA A 248 33.45 -5.02 -1.24
CA ALA A 248 34.17 -5.77 -0.23
C ALA A 248 34.87 -4.83 0.75
N ALA A 249 35.47 -3.76 0.24
CA ALA A 249 36.16 -2.74 1.11
C ALA A 249 35.18 -1.94 1.99
N PHE A 250 34.08 -1.55 1.39
CA PHE A 250 33.00 -0.90 2.13
C PHE A 250 32.53 -1.76 3.30
N GLN A 251 32.41 -3.05 3.08
CA GLN A 251 32.00 -3.96 4.13
C GLN A 251 33.06 -4.09 5.20
N HIS A 252 34.32 -4.04 4.78
CA HIS A 252 35.45 -4.14 5.69
C HIS A 252 35.45 -2.98 6.69
N TYR A 253 35.31 -1.75 6.19
CA TYR A 253 35.32 -0.57 7.02
C TYR A 253 34.06 -0.51 7.87
N THR A 254 32.96 -1.06 7.36
CA THR A 254 31.74 -1.21 8.14
C THR A 254 31.89 -2.18 9.27
N LYS A 255 32.60 -3.29 9.06
CA LYS A 255 32.89 -4.23 10.16
C LYS A 255 33.82 -3.63 11.17
N MSE A 256 34.78 -2.88 10.68
CA MSE A 256 35.70 -2.17 11.53
C MSE A 256 35.00 -1.25 12.55
O MSE A 256 35.26 -1.34 13.74
CB MSE A 256 36.61 -1.35 10.62
CG MSE A 256 37.86 -0.78 11.32
SE MSE A 256 39.08 -0.07 9.97
CE MSE A 256 39.44 -1.79 9.09
N VAL A 257 34.11 -0.38 12.07
CA VAL A 257 33.42 0.57 12.95
C VAL A 257 32.42 -0.16 13.88
N SER A 258 31.75 -1.19 13.37
CA SER A 258 30.87 -2.03 14.19
C SER A 258 31.57 -2.62 15.41
N LYS A 259 32.84 -2.94 15.27
CA LYS A 259 33.59 -3.41 16.41
C LYS A 259 33.81 -2.32 17.46
N GLN A 260 33.82 -1.08 17.01
CA GLN A 260 33.96 0.04 17.90
C GLN A 260 32.62 0.38 18.55
N VAL A 261 31.55 0.39 17.76
CA VAL A 261 30.19 0.43 18.30
C VAL A 261 30.03 -0.60 19.42
N ASP A 262 30.51 -1.82 19.22
CA ASP A 262 30.49 -2.86 20.24
C ASP A 262 31.27 -2.47 21.49
N SER A 263 32.50 -1.95 21.33
CA SER A 263 33.29 -1.44 22.46
C SER A 263 32.57 -0.34 23.26
N VAL A 264 31.88 0.54 22.55
CA VAL A 264 31.24 1.70 23.16
C VAL A 264 30.06 1.23 23.97
N LEU A 265 29.26 0.35 23.38
CA LEU A 265 28.13 -0.29 24.08
C LEU A 265 28.52 -1.14 25.29
N LYS A 266 29.60 -1.90 25.20
CA LYS A 266 30.14 -2.54 26.38
C LYS A 266 30.46 -1.54 27.49
N ALA A 267 31.00 -0.38 27.14
CA ALA A 267 31.27 0.67 28.12
C ALA A 267 29.93 1.21 28.69
N LEU A 268 28.96 1.44 27.83
CA LEU A 268 27.64 1.92 28.27
C LEU A 268 27.03 1.06 29.36
N TYR A 269 27.04 -0.24 29.16
CA TYR A 269 26.33 -1.20 30.02
C TYR A 269 27.18 -1.81 31.14
N SER A 270 28.37 -1.25 31.32
CA SER A 270 29.25 -1.62 32.42
C SER A 270 28.92 -0.84 33.68
N THR A 271 27.96 0.06 33.60
CA THR A 271 27.50 0.89 34.71
C THR A 271 25.99 0.78 34.75
N PRO A 272 25.36 0.99 35.93
CA PRO A 272 23.90 1.13 36.04
C PRO A 272 23.27 2.20 35.13
N ALA A 273 24.06 3.16 34.66
CA ALA A 273 23.57 4.21 33.76
C ALA A 273 23.16 3.64 32.41
N GLY A 274 23.77 2.52 32.02
CA GLY A 274 23.54 1.97 30.69
C GLY A 274 22.10 1.64 30.43
N ARG A 275 21.47 0.99 31.40
CA ARG A 275 20.10 0.50 31.22
C ARG A 275 19.11 1.63 31.23
N ASN A 276 19.48 2.80 31.77
CA ASN A 276 18.58 3.97 31.65
CA ASN A 276 18.64 4.01 31.73
C ASN A 276 18.97 4.89 30.49
N THR A 277 19.59 4.29 29.45
CA THR A 277 20.10 5.03 28.28
C THR A 277 19.44 4.64 26.97
N ILE A 278 18.95 5.65 26.25
CA ILE A 278 18.36 5.49 24.93
C ILE A 278 19.45 5.58 23.86
N VAL A 279 19.64 4.52 23.08
CA VAL A 279 20.68 4.47 22.09
C VAL A 279 20.06 4.72 20.72
N VAL A 280 20.56 5.75 20.02
CA VAL A 280 20.21 6.07 18.65
C VAL A 280 21.40 5.71 17.76
N ILE A 281 21.13 5.03 16.64
CA ILE A 281 22.18 4.72 15.69
C ILE A 281 21.78 5.19 14.32
N MSE A 282 22.68 5.96 13.68
CA MSE A 282 22.34 6.58 12.41
C MSE A 282 23.57 6.87 11.55
O MSE A 282 24.67 6.51 11.91
CB MSE A 282 21.55 7.85 12.67
CG MSE A 282 22.31 8.85 13.55
SE MSE A 282 21.15 10.36 14.04
CE MSE A 282 20.35 10.81 12.30
N ALA A 283 23.30 7.46 10.38
CA ALA A 283 24.34 7.95 9.48
C ALA A 283 23.97 9.37 9.00
N ASP A 284 24.98 10.13 8.56
CA ASP A 284 24.73 11.48 8.04
C ASP A 284 24.31 11.44 6.59
N HIS A 285 24.79 10.41 5.91
CA HIS A 285 24.35 10.06 4.59
C HIS A 285 24.99 8.72 4.33
N GLY A 286 24.57 8.10 3.24
CA GLY A 286 25.13 6.82 2.83
C GLY A 286 26.14 6.91 1.70
N ASP A 287 26.18 5.85 0.92
CA ASP A 287 27.19 5.60 -0.09
C ASP A 287 26.52 4.90 -1.27
N GLY A 288 26.89 5.24 -2.51
CA GLY A 288 26.33 4.56 -3.68
C GLY A 288 26.50 3.04 -3.71
N MSE A 289 27.66 2.54 -3.26
CA MSE A 289 27.91 1.09 -3.26
C MSE A 289 27.77 0.41 -4.63
O MSE A 289 27.36 -0.77 -4.69
CB MSE A 289 27.00 0.40 -2.26
CG MSE A 289 27.22 0.81 -0.81
SE MSE A 289 25.90 -0.13 0.32
CE MSE A 289 24.22 0.63 -0.37
N ALA A 290 28.12 1.15 -5.70
CA ALA A 290 28.12 0.70 -7.09
C ALA A 290 26.75 0.81 -7.78
N SER A 291 25.72 1.18 -7.01
CA SER A 291 24.37 1.32 -7.55
C SER A 291 24.34 2.47 -8.49
N HIS A 292 23.81 2.28 -9.71
CA HIS A 292 23.86 3.35 -10.67
C HIS A 292 25.32 3.76 -11.03
N ARG A 293 26.25 2.81 -10.90
CA ARG A 293 27.67 3.08 -11.13
C ARG A 293 28.36 4.00 -10.11
N MSE A 294 27.62 4.41 -9.07
CA MSE A 294 28.07 5.42 -8.12
C MSE A 294 29.08 4.92 -7.10
O MSE A 294 29.01 3.80 -6.61
CB MSE A 294 26.85 5.99 -7.33
CG MSE A 294 26.37 7.38 -7.78
SE MSE A 294 27.82 8.72 -7.75
CE MSE A 294 27.37 9.81 -6.21
N VAL A 295 29.97 5.83 -6.72
CA VAL A 295 30.81 5.65 -5.58
C VAL A 295 30.63 6.89 -4.68
N THR A 296 30.66 6.66 -3.37
CA THR A 296 30.44 7.69 -2.37
C THR A 296 29.15 8.50 -2.63
N LYS A 297 29.23 9.81 -2.69
CA LYS A 297 28.05 10.67 -2.71
C LYS A 297 28.37 11.95 -3.42
N HIS A 298 27.44 12.39 -4.28
CA HIS A 298 27.55 13.64 -5.03
C HIS A 298 26.35 13.80 -5.94
N ILE A 299 25.67 14.93 -5.83
CA ILE A 299 24.58 15.34 -6.72
C ILE A 299 23.30 14.52 -6.64
N SER A 300 23.39 13.18 -6.76
CA SER A 300 22.21 12.31 -6.87
C SER A 300 21.50 12.08 -5.54
N PHE A 301 20.22 11.67 -5.63
CA PHE A 301 19.39 11.48 -4.44
C PHE A 301 18.92 10.03 -4.22
N TYR A 302 19.61 9.08 -4.84
CA TYR A 302 19.19 7.70 -4.75
C TYR A 302 19.23 7.20 -3.32
N ASP A 303 18.33 6.26 -3.02
CA ASP A 303 18.16 5.74 -1.68
C ASP A 303 19.46 5.34 -1.00
N GLU A 304 20.37 4.75 -1.77
CA GLU A 304 21.64 4.32 -1.22
C GLU A 304 22.30 5.42 -0.45
N MSE A 305 22.15 6.65 -0.95
CA MSE A 305 22.79 7.82 -0.33
C MSE A 305 21.98 8.68 0.57
O MSE A 305 22.54 9.27 1.49
CB MSE A 305 23.35 8.68 -1.41
CG MSE A 305 24.65 8.09 -1.89
SE MSE A 305 24.89 8.31 -3.74
CE MSE A 305 23.18 7.61 -4.44
N THR A 306 20.69 8.81 0.28
CA THR A 306 19.83 9.68 1.06
C THR A 306 18.97 8.97 2.10
N ASN A 307 18.81 7.65 2.02
CA ASN A 307 17.98 6.87 2.96
C ASN A 307 18.84 6.07 3.90
N VAL A 308 19.04 6.61 5.10
CA VAL A 308 20.06 6.17 6.03
C VAL A 308 19.48 5.20 7.11
N PRO A 309 20.34 4.48 7.82
CA PRO A 309 19.92 3.74 8.99
C PRO A 309 19.45 4.68 10.10
N PHE A 310 18.34 4.34 10.74
CA PHE A 310 17.75 5.18 11.80
C PHE A 310 17.12 4.21 12.77
N ILE A 311 17.81 4.00 13.90
CA ILE A 311 17.58 2.93 14.85
C ILE A 311 17.53 3.50 16.26
N PHE A 312 16.53 3.13 17.04
CA PHE A 312 16.37 3.55 18.46
C PHE A 312 16.13 2.33 19.33
N ALA A 313 16.69 2.32 20.52
CA ALA A 313 16.36 1.32 21.52
C ALA A 313 16.65 1.88 22.87
N GLY A 314 15.84 1.54 23.86
CA GLY A 314 16.16 1.86 25.24
C GLY A 314 14.94 1.88 26.12
N PRO A 315 15.09 2.38 27.35
CA PRO A 315 14.00 2.47 28.30
C PRO A 315 12.80 3.17 27.71
N GLY A 316 11.65 2.49 27.75
CA GLY A 316 10.42 3.06 27.26
C GLY A 316 10.16 2.92 25.78
N ILE A 317 11.07 2.30 25.04
CA ILE A 317 10.89 2.14 23.60
C ILE A 317 10.55 0.68 23.41
N LYS A 318 9.41 0.42 22.77
CA LYS A 318 8.94 -0.92 22.53
C LYS A 318 9.61 -1.57 21.33
N GLN A 319 9.96 -2.82 21.52
CA GLN A 319 10.51 -3.62 20.49
C GLN A 319 9.50 -3.74 19.36
N GLN A 320 9.95 -3.50 18.13
CA GLN A 320 9.18 -3.85 16.94
C GLN A 320 10.05 -4.66 15.99
N LYS A 321 9.65 -5.92 15.79
CA LYS A 321 10.35 -6.83 14.88
C LYS A 321 10.36 -6.35 13.43
N LYS A 322 9.27 -5.74 13.01
CA LYS A 322 9.08 -5.30 11.63
C LYS A 322 9.58 -3.85 11.53
N PRO A 323 10.42 -3.54 10.51
CA PRO A 323 10.78 -2.16 10.25
C PRO A 323 9.59 -1.25 10.04
N VAL A 324 9.57 -0.09 10.69
CA VAL A 324 8.52 0.87 10.45
C VAL A 324 8.61 1.40 9.03
N ASP A 325 7.64 1.02 8.20
CA ASP A 325 7.66 1.41 6.80
C ASP A 325 6.43 2.19 6.38
N HIS A 326 5.58 2.56 7.34
CA HIS A 326 4.33 3.30 7.05
C HIS A 326 4.48 4.82 7.32
N LEU A 327 5.67 5.27 7.64
CA LEU A 327 5.91 6.69 7.89
C LEU A 327 7.08 7.10 7.04
N LEU A 328 7.04 8.36 6.61
CA LEU A 328 8.16 8.99 5.99
C LEU A 328 8.85 9.75 7.11
N THR A 329 10.10 9.40 7.36
CA THR A 329 10.90 9.97 8.44
C THR A 329 12.01 10.92 7.89
N GLN A 330 12.35 11.97 8.62
CA GLN A 330 13.44 12.83 8.18
C GLN A 330 14.42 13.10 9.34
N PRO A 331 15.37 12.18 9.58
CA PRO A 331 16.23 12.33 10.78
C PRO A 331 16.77 13.73 11.02
N THR A 332 17.13 14.42 9.92
CA THR A 332 17.71 15.74 9.95
C THR A 332 16.82 16.70 10.74
N LEU A 333 15.52 16.70 10.45
CA LEU A 333 14.53 17.47 11.21
C LEU A 333 14.04 16.81 12.51
N ASP A 334 13.76 15.51 12.46
CA ASP A 334 13.05 14.80 13.53
C ASP A 334 13.87 14.34 14.76
N LEU A 335 15.19 14.27 14.66
CA LEU A 335 15.96 13.78 15.78
C LEU A 335 15.89 14.77 16.95
N LEU A 336 16.01 16.08 16.67
CA LEU A 336 15.92 17.10 17.73
C LEU A 336 14.62 17.01 18.55
N PRO A 337 13.46 17.16 17.90
CA PRO A 337 12.20 16.94 18.62
C PRO A 337 12.00 15.56 19.25
N THR A 338 12.47 14.50 18.59
CA THR A 338 12.27 13.15 19.12
C THR A 338 13.01 13.02 20.42
N LEU A 339 14.26 13.44 20.48
CA LEU A 339 15.03 13.30 21.73
C LEU A 339 14.53 14.24 22.79
N CYS A 340 14.21 15.47 22.42
CA CYS A 340 13.64 16.45 23.39
C CYS A 340 12.35 15.96 24.04
N ASP A 341 11.45 15.44 23.22
CA ASP A 341 10.22 14.75 23.69
C ASP A 341 10.54 13.69 24.72
N LEU A 342 11.47 12.80 24.41
CA LEU A 342 11.75 11.67 25.29
C LEU A 342 12.40 12.14 26.60
N ALA A 343 13.08 13.29 26.55
CA ALA A 343 13.75 13.88 27.71
C ALA A 343 12.85 14.85 28.50
N GLY A 344 11.67 15.13 27.94
CA GLY A 344 10.72 16.04 28.56
C GLY A 344 11.17 17.49 28.47
N ILE A 345 11.77 17.85 27.33
CA ILE A 345 12.26 19.19 27.08
C ILE A 345 11.39 19.82 26.01
N ALA A 346 10.93 21.03 26.26
CA ALA A 346 10.16 21.82 25.29
C ALA A 346 10.99 22.23 24.08
N VAL A 347 10.41 22.07 22.89
CA VAL A 347 11.10 22.33 21.65
C VAL A 347 10.55 23.65 21.07
N PRO A 348 11.44 24.60 20.67
CA PRO A 348 11.03 25.83 20.00
C PRO A 348 10.05 25.58 18.86
N ALA A 349 8.97 26.36 18.83
CA ALA A 349 7.88 26.19 17.87
C ALA A 349 8.31 26.35 16.42
N GLU A 350 9.44 27.01 16.18
CA GLU A 350 9.90 27.19 14.81
C GLU A 350 10.47 25.92 14.20
N LYS A 351 10.88 24.96 15.04
CA LYS A 351 11.46 23.73 14.49
C LYS A 351 10.40 22.92 13.74
N ALA A 352 10.71 22.55 12.49
CA ALA A 352 9.78 21.90 11.58
C ALA A 352 9.73 20.37 11.74
N GLY A 353 10.62 19.83 12.56
CA GLY A 353 10.61 18.41 12.84
C GLY A 353 9.42 17.92 13.66
N ILE A 354 9.23 16.60 13.60
CA ILE A 354 8.16 15.88 14.28
C ILE A 354 8.73 14.80 15.21
N SER A 355 8.44 14.87 16.51
CA SER A 355 8.81 13.75 17.43
C SER A 355 8.23 12.36 17.02
N LEU A 356 9.11 11.37 16.94
CA LEU A 356 8.72 9.99 16.67
C LEU A 356 8.50 9.27 17.99
N ALA A 357 8.48 9.99 19.09
CA ALA A 357 8.39 9.32 20.40
C ALA A 357 7.10 8.47 20.51
N PRO A 358 5.96 8.91 19.93
CA PRO A 358 4.77 8.05 19.90
C PRO A 358 4.98 6.68 19.24
N THR A 359 5.52 6.65 18.02
CA THR A 359 5.88 5.40 17.38
C THR A 359 6.82 4.59 18.29
N LEU A 360 7.80 5.24 18.88
CA LEU A 360 8.78 4.54 19.68
C LEU A 360 8.19 3.93 20.93
N ARG A 361 7.19 4.58 21.50
CA ARG A 361 6.47 4.05 22.67
C ARG A 361 5.33 3.09 22.31
N GLY A 362 5.15 2.82 21.03
CA GLY A 362 4.13 1.87 20.57
C GLY A 362 2.74 2.48 20.60
N GLU A 363 2.69 3.79 20.44
CA GLU A 363 1.45 4.54 20.32
C GLU A 363 1.29 4.86 18.87
N LYS A 364 0.09 5.31 18.48
CA LYS A 364 -0.18 5.74 17.13
C LYS A 364 0.47 7.09 16.87
N GLN A 365 0.97 7.25 15.66
CA GLN A 365 1.68 8.42 15.23
C GLN A 365 0.72 9.34 14.51
N LYS A 366 0.15 10.26 15.25
CA LYS A 366 -0.89 11.12 14.72
C LYS A 366 -0.33 12.33 13.97
N LYS A 367 0.86 12.79 14.32
CA LYS A 367 1.53 13.83 13.53
C LYS A 367 2.59 13.14 12.61
N SER A 368 2.55 13.41 11.32
CA SER A 368 3.50 12.77 10.44
C SER A 368 3.82 13.58 9.17
N HIS A 369 4.98 13.31 8.56
CA HIS A 369 5.42 14.04 7.35
C HIS A 369 4.69 13.47 6.15
N PRO A 370 3.96 14.33 5.41
CA PRO A 370 3.30 13.89 4.18
C PRO A 370 4.24 13.64 2.99
N TYR A 371 5.40 14.28 3.02
CA TYR A 371 6.50 14.04 2.10
C TYR A 371 7.79 14.48 2.81
N VAL A 372 8.92 13.98 2.35
CA VAL A 372 10.20 14.38 2.91
C VAL A 372 11.07 14.83 1.79
N VAL A 373 12.04 15.67 2.12
CA VAL A 373 12.82 16.40 1.10
C VAL A 373 14.35 16.25 1.27
N SER A 374 15.07 16.36 0.19
CA SER A 374 16.51 16.47 0.25
C SER A 374 16.97 17.56 -0.74
N GLU A 375 18.15 18.13 -0.47
CA GLU A 375 18.74 19.25 -1.21
C GLU A 375 20.16 18.93 -1.66
N TRP A 376 20.49 19.37 -2.86
CA TRP A 376 21.85 19.44 -3.34
C TRP A 376 22.14 20.86 -3.84
N HIS A 377 23.36 21.35 -3.58
CA HIS A 377 23.84 22.67 -4.02
C HIS A 377 25.20 22.52 -4.70
N SER A 378 26.23 22.29 -3.89
CA SER A 378 27.59 22.06 -4.40
C SER A 378 28.33 21.25 -3.36
N GLU A 379 29.50 20.75 -3.70
CA GLU A 379 30.38 20.12 -2.72
C GLU A 379 31.45 21.06 -2.18
N TYR A 380 32.34 21.51 -3.08
CA TYR A 380 33.36 22.52 -2.78
C TYR A 380 33.29 23.73 -3.73
N GLU A 381 32.15 23.90 -4.39
CA GLU A 381 31.89 25.04 -5.30
C GLU A 381 32.74 25.07 -6.57
N TYR A 382 33.29 23.94 -6.98
CA TYR A 382 33.73 23.79 -8.37
C TYR A 382 32.51 23.80 -9.27
N VAL A 383 31.56 22.92 -9.00
CA VAL A 383 30.29 22.95 -9.71
C VAL A 383 29.16 23.26 -8.73
N THR A 384 28.36 24.27 -9.05
CA THR A 384 27.15 24.59 -8.31
C THR A 384 25.95 24.28 -9.19
N THR A 385 25.25 23.18 -8.89
CA THR A 385 24.13 22.74 -9.71
C THR A 385 23.00 22.29 -8.79
N PRO A 386 22.30 23.27 -8.20
CA PRO A 386 21.28 23.00 -7.18
C PRO A 386 20.18 22.04 -7.64
N GLY A 387 19.71 21.20 -6.71
CA GLY A 387 18.70 20.16 -7.01
C GLY A 387 17.83 20.01 -5.81
N ARG A 388 16.67 19.39 -6.01
CA ARG A 388 15.76 19.07 -4.91
C ARG A 388 15.12 17.71 -5.11
N MSE A 389 15.04 16.90 -4.03
CA MSE A 389 14.22 15.66 -4.01
C MSE A 389 12.97 15.85 -3.15
O MSE A 389 13.05 16.41 -2.06
CB MSE A 389 15.01 14.49 -3.48
CG MSE A 389 14.25 13.18 -3.29
SE MSE A 389 15.04 12.09 -1.87
CE MSE A 389 14.10 12.80 -0.30
N VAL A 390 11.83 15.38 -3.65
CA VAL A 390 10.60 15.25 -2.85
C VAL A 390 10.24 13.79 -2.82
N ARG A 391 10.21 13.23 -1.62
CA ARG A 391 9.83 11.82 -1.45
C ARG A 391 8.44 11.77 -0.88
N GLY A 392 7.50 11.28 -1.69
CA GLY A 392 6.12 11.18 -1.28
C GLY A 392 5.90 9.78 -0.79
N PRO A 393 4.66 9.46 -0.42
CA PRO A 393 4.36 8.13 0.13
C PRO A 393 4.81 7.00 -0.75
N ARG A 394 4.79 7.22 -2.08
CA ARG A 394 5.11 6.14 -3.00
C ARG A 394 6.13 6.51 -4.06
N TYR A 395 6.08 7.73 -4.56
CA TYR A 395 7.03 8.14 -5.59
C TYR A 395 8.13 9.06 -5.04
N LYS A 396 9.31 8.99 -5.64
CA LYS A 396 10.36 9.96 -5.39
C LYS A 396 10.52 10.79 -6.63
N TYR A 397 10.36 12.11 -6.45
CA TYR A 397 10.54 13.10 -7.52
C TYR A 397 11.84 13.86 -7.31
N THR A 398 12.53 14.08 -8.41
CA THR A 398 13.77 14.82 -8.40
C THR A 398 13.70 15.98 -9.41
N HIS A 399 14.19 17.15 -9.00
CA HIS A 399 14.33 18.25 -9.92
C HIS A 399 15.72 18.85 -9.83
N TYR A 400 16.30 19.21 -10.97
CA TYR A 400 17.55 19.96 -10.99
C TYR A 400 17.39 21.22 -11.85
N LEU A 401 17.91 22.37 -11.37
CA LEU A 401 17.80 23.62 -12.16
C LEU A 401 18.51 23.47 -13.49
N GLU A 402 19.69 22.85 -13.46
CA GLU A 402 20.51 22.70 -14.67
C GLU A 402 19.88 21.77 -15.69
N GLY A 403 19.26 22.38 -16.69
CA GLY A 403 18.66 21.67 -17.82
C GLY A 403 17.21 21.41 -17.49
N ASN A 404 16.75 21.97 -16.39
CA ASN A 404 15.45 21.61 -15.82
C ASN A 404 15.14 20.11 -15.82
N GLY A 405 16.10 19.30 -15.40
CA GLY A 405 15.95 17.85 -15.41
C GLY A 405 15.07 17.38 -14.29
N GLU A 406 14.36 16.29 -14.55
CA GLU A 406 13.45 15.68 -13.58
C GLU A 406 13.57 14.17 -13.58
N GLU A 407 13.50 13.56 -12.39
CA GLU A 407 13.31 12.13 -12.27
C GLU A 407 12.04 11.85 -11.50
N LEU A 408 11.46 10.68 -11.74
CA LEU A 408 10.31 10.21 -11.00
C LEU A 408 10.38 8.69 -10.91
N TYR A 409 10.36 8.15 -9.68
CA TYR A 409 10.60 6.73 -9.45
C TYR A 409 9.51 6.15 -8.57
N ASP A 410 9.17 4.90 -8.86
CA ASP A 410 8.14 4.18 -8.14
C ASP A 410 8.84 3.40 -7.07
N MSE A 411 8.77 3.87 -5.85
CA MSE A 411 9.55 3.26 -4.79
C MSE A 411 8.96 1.94 -4.31
O MSE A 411 9.64 1.21 -3.60
CB MSE A 411 9.75 4.24 -3.64
CG MSE A 411 10.44 5.55 -4.05
SE MSE A 411 12.22 5.29 -4.86
CE MSE A 411 13.16 4.40 -3.41
N LYS A 412 7.73 1.62 -4.72
CA LYS A 412 7.08 0.35 -4.39
C LYS A 412 7.57 -0.74 -5.34
N LYS A 413 7.44 -0.50 -6.65
CA LYS A 413 7.76 -1.50 -7.65
C LYS A 413 9.19 -1.40 -8.19
N ASP A 414 9.85 -0.27 -7.96
CA ASP A 414 11.20 -0.01 -8.48
C ASP A 414 12.05 0.63 -7.39
N PRO A 415 12.21 -0.08 -6.26
CA PRO A 415 12.96 0.50 -5.16
C PRO A 415 14.41 0.80 -5.53
N GLY A 416 14.96 0.05 -6.51
CA GLY A 416 16.29 0.20 -7.03
C GLY A 416 16.48 1.39 -7.97
N GLU A 417 15.38 2.06 -8.32
CA GLU A 417 15.38 3.33 -9.09
C GLU A 417 16.04 3.24 -10.46
N ARG A 418 15.65 2.22 -11.16
CA ARG A 418 16.23 1.87 -12.44
C ARG A 418 15.45 2.40 -13.65
N LYS A 419 14.20 2.83 -13.45
CA LYS A 419 13.33 3.35 -14.52
C LYS A 419 12.78 4.73 -14.17
N ASN A 420 13.37 5.77 -14.74
CA ASN A 420 12.85 7.13 -14.64
C ASN A 420 11.57 7.22 -15.46
N LEU A 421 10.51 7.68 -14.81
CA LEU A 421 9.17 7.71 -15.38
C LEU A 421 8.76 9.15 -15.72
N ALA A 422 9.63 10.11 -15.44
CA ALA A 422 9.33 11.54 -15.63
C ALA A 422 8.80 11.90 -17.02
N LYS A 423 9.29 11.20 -18.05
CA LYS A 423 8.92 11.49 -19.43
C LYS A 423 7.88 10.52 -19.97
N ASP A 424 7.32 9.70 -19.08
CA ASP A 424 6.26 8.77 -19.46
C ASP A 424 4.93 9.47 -19.24
N PRO A 425 4.16 9.66 -20.33
CA PRO A 425 2.83 10.31 -20.29
C PRO A 425 1.83 9.70 -19.31
N LYS A 426 1.85 8.36 -19.12
CA LYS A 426 1.05 7.70 -18.06
C LYS A 426 1.25 8.35 -16.69
N TYR A 427 2.39 9.01 -16.48
CA TYR A 427 2.76 9.50 -15.16
C TYR A 427 2.64 11.00 -14.98
N SER A 428 2.07 11.70 -15.95
CA SER A 428 2.03 13.19 -15.91
C SER A 428 1.25 13.82 -14.75
N LYS A 429 0.23 13.14 -14.25
CA LYS A 429 -0.55 13.69 -13.13
C LYS A 429 0.22 13.45 -11.82
N ILE A 430 0.93 12.32 -11.78
CA ILE A 430 1.82 11.98 -10.68
C ILE A 430 2.98 13.01 -10.64
N LEU A 431 3.51 13.36 -11.81
CA LEU A 431 4.56 14.36 -11.90
C LEU A 431 4.07 15.72 -11.51
N ALA A 432 2.88 16.07 -11.97
CA ALA A 432 2.28 17.37 -11.63
C ALA A 432 2.11 17.47 -10.12
N GLU A 433 1.62 16.38 -9.52
CA GLU A 433 1.34 16.32 -8.08
C GLU A 433 2.63 16.48 -7.26
N HIS A 434 3.72 15.92 -7.75
CA HIS A 434 4.99 15.99 -7.05
C HIS A 434 5.73 17.30 -7.23
N ARG A 435 5.60 17.91 -8.41
CA ARG A 435 6.04 19.31 -8.61
C ARG A 435 5.31 20.21 -7.64
N ALA A 436 4.03 19.95 -7.49
CA ALA A 436 3.17 20.74 -6.63
C ALA A 436 3.60 20.62 -5.16
N LEU A 437 4.12 19.45 -4.78
CA LEU A 437 4.68 19.24 -3.41
C LEU A 437 5.99 20.02 -3.21
N LEU A 438 6.83 20.02 -4.23
CA LEU A 438 8.02 20.85 -4.21
C LEU A 438 7.66 22.33 -4.04
N ASP A 439 6.63 22.79 -4.72
CA ASP A 439 6.18 24.21 -4.56
C ASP A 439 5.75 24.47 -3.12
N ASP A 440 5.00 23.52 -2.56
CA ASP A 440 4.58 23.54 -1.14
C ASP A 440 5.80 23.63 -0.20
N TYR A 441 6.81 22.81 -0.47
CA TYR A 441 8.02 22.80 0.33
C TYR A 441 8.72 24.14 0.22
N ILE A 442 8.88 24.62 -1.02
CA ILE A 442 9.58 25.90 -1.32
C ILE A 442 8.95 27.11 -0.63
N THR A 443 7.62 27.19 -0.73
CA THR A 443 6.84 28.22 -0.02
C THR A 443 6.88 28.14 1.50
N ARG A 444 6.49 27.00 2.06
CA ARG A 444 6.48 26.82 3.51
C ARG A 444 7.86 26.97 4.13
N SER A 445 8.91 26.56 3.44
CA SER A 445 10.26 26.61 4.02
C SER A 445 11.02 27.88 3.69
N LYS A 446 10.48 28.71 2.79
CA LYS A 446 11.15 29.92 2.33
C LYS A 446 12.43 29.58 1.61
N ASP A 447 12.30 28.69 0.64
CA ASP A 447 13.45 28.17 -0.10
C ASP A 447 13.68 29.10 -1.29
N ASP A 448 14.93 29.42 -1.54
CA ASP A 448 15.29 30.30 -2.64
C ASP A 448 15.67 29.54 -3.88
N TYR A 449 15.51 28.20 -3.84
CA TYR A 449 15.81 27.31 -4.97
C TYR A 449 15.58 27.92 -6.36
N ARG A 450 14.39 28.48 -6.56
CA ARG A 450 13.94 28.88 -7.88
C ARG A 450 14.75 30.08 -8.39
N SER A 451 15.28 30.89 -7.47
CA SER A 451 16.11 32.06 -7.80
CA SER A 451 16.09 32.05 -7.86
C SER A 451 17.59 31.71 -8.02
N LEU A 452 18.00 30.51 -7.62
CA LEU A 452 19.43 30.13 -7.65
C LEU A 452 20.02 30.01 -9.06
N LYS A 453 21.34 30.27 -9.17
CA LYS A 453 22.05 30.19 -10.46
C LYS A 453 23.03 28.99 -10.54
N VAL A 454 22.98 28.29 -11.67
CA VAL A 454 23.92 27.23 -11.94
C VAL A 454 25.28 27.78 -12.28
N ASP A 455 26.32 27.03 -11.92
CA ASP A 455 27.69 27.42 -12.17
C ASP A 455 28.37 26.15 -12.56
N ALA A 456 28.12 25.74 -13.80
CA ALA A 456 28.56 24.46 -14.31
C ALA A 456 29.30 24.71 -15.60
N ASP A 457 30.64 24.61 -15.57
CA ASP A 457 31.48 24.86 -16.74
C ASP A 457 31.20 23.88 -17.87
N PRO A 458 30.93 24.39 -19.09
CA PRO A 458 30.69 23.51 -20.26
C PRO A 458 31.74 22.43 -20.55
N ARG A 459 32.99 22.61 -20.13
CA ARG A 459 34.00 21.54 -20.26
C ARG A 459 33.71 20.29 -19.40
N CYS A 460 32.80 20.42 -18.43
CA CYS A 460 32.42 19.30 -17.58
C CYS A 460 31.16 18.62 -18.05
N ARG A 461 30.72 19.00 -19.24
CA ARG A 461 29.52 18.44 -19.85
C ARG A 461 29.87 18.07 -21.27
N ASN A 462 31.09 17.59 -21.48
CA ASN A 462 31.65 17.58 -22.82
C ASN A 462 31.43 16.25 -23.53
N HIS A 463 32.04 15.18 -23.04
CA HIS A 463 31.93 13.86 -23.64
C HIS A 463 30.49 13.35 -23.71
N THR A 464 30.30 12.14 -24.25
CA THR A 464 28.98 11.50 -24.27
C THR A 464 28.52 11.26 -22.86
N PRO A 465 27.23 11.51 -22.59
CA PRO A 465 26.71 11.25 -21.26
C PRO A 465 27.13 9.90 -20.67
N GLY A 466 27.46 9.89 -19.38
CA GLY A 466 27.76 8.64 -18.70
C GLY A 466 29.22 8.42 -18.40
N TYR A 467 29.48 7.69 -17.32
CA TYR A 467 30.79 7.67 -16.70
C TYR A 467 31.85 6.82 -17.46
N PRO A 468 31.44 5.68 -18.03
CA PRO A 468 32.39 4.93 -18.84
C PRO A 468 32.95 5.71 -20.04
N SER A 469 32.18 6.66 -20.56
CA SER A 469 32.62 7.49 -21.67
C SER A 469 33.37 8.74 -21.21
N HIS A 470 33.70 8.80 -19.93
CA HIS A 470 34.33 9.99 -19.37
C HIS A 470 35.75 10.19 -19.96
N GLU A 471 36.10 11.46 -20.26
CA GLU A 471 37.44 11.83 -20.78
C GLU A 471 37.99 13.00 -19.97
N GLY A 472 39.27 12.95 -19.64
CA GLY A 472 39.93 14.09 -19.00
C GLY A 472 40.01 14.03 -17.48
N PRO A 473 40.55 15.10 -16.87
CA PRO A 473 40.82 15.14 -15.43
C PRO A 473 39.66 15.58 -14.50
N GLY A 474 38.58 16.11 -15.06
CA GLY A 474 37.45 16.55 -14.24
C GLY A 474 37.62 17.93 -13.65
N ALA A 475 36.57 18.42 -12.99
CA ALA A 475 36.43 19.83 -12.54
C ALA A 475 37.53 20.37 -11.64
N ARG A 476 38.36 19.52 -11.05
CA ARG A 476 39.52 19.98 -10.28
C ARG A 476 40.34 21.06 -11.03
N GLU A 477 40.38 20.98 -12.38
CA GLU A 477 41.05 21.98 -13.24
C GLU A 477 40.15 22.60 -14.34
N ILE A 478 39.64 23.83 -14.14
CA ILE A 478 39.54 24.45 -12.80
C ILE A 478 38.29 25.30 -12.74
N GLU B 15 -47.54 -16.34 15.37
CA GLU B 15 -47.78 -17.47 14.43
C GLU B 15 -46.55 -17.72 13.56
N LYS B 16 -46.77 -18.03 12.28
CA LYS B 16 -45.68 -18.22 11.31
C LYS B 16 -45.02 -16.85 11.04
N PRO B 17 -43.71 -16.83 10.85
CA PRO B 17 -43.10 -15.57 10.50
C PRO B 17 -43.38 -15.13 9.07
N ASN B 18 -43.53 -13.82 8.91
CA ASN B 18 -43.37 -13.15 7.63
C ASN B 18 -41.90 -12.98 7.28
N PHE B 19 -41.63 -12.77 5.98
CA PHE B 19 -40.26 -12.55 5.45
C PHE B 19 -40.20 -11.35 4.48
N LEU B 20 -39.26 -10.46 4.74
CA LEU B 20 -38.91 -9.36 3.83
C LEU B 20 -37.44 -9.54 3.42
N ILE B 21 -37.23 -9.87 2.14
CA ILE B 21 -35.87 -9.96 1.57
C ILE B 21 -35.59 -8.70 0.74
N ILE B 22 -34.59 -7.94 1.16
CA ILE B 22 -34.14 -6.75 0.46
C ILE B 22 -32.78 -7.05 -0.15
N GLN B 23 -32.72 -7.01 -1.48
CA GLN B 23 -31.49 -7.24 -2.22
C GLN B 23 -31.16 -5.95 -2.97
N CYS B 24 -29.89 -5.53 -2.90
CA CYS B 24 -29.38 -4.42 -3.71
C CYS B 24 -28.30 -4.90 -4.67
N ASP B 25 -28.39 -4.43 -5.89
CA ASP B 25 -27.47 -4.76 -6.94
C ASP B 25 -26.17 -3.96 -6.72
N HIS B 26 -25.07 -4.69 -6.52
CA HIS B 26 -23.68 -4.12 -6.35
C HIS B 26 -23.24 -3.80 -4.91
N LEU B 27 -24.18 -3.89 -3.94
CA LEU B 27 -23.92 -3.56 -2.54
C LEU B 27 -22.78 -4.41 -2.03
N THR B 28 -21.83 -3.75 -1.36
CA THR B 28 -20.58 -4.38 -0.93
C THR B 28 -20.53 -4.45 0.59
N GLN B 29 -19.74 -5.37 1.13
CA GLN B 29 -19.49 -5.34 2.56
C GLN B 29 -18.81 -3.99 2.94
N ARG B 30 -17.86 -3.53 2.15
CA ARG B 30 -17.10 -2.36 2.52
C ARG B 30 -17.95 -1.14 2.80
N VAL B 31 -19.02 -0.98 2.01
CA VAL B 31 -19.81 0.22 2.10
C VAL B 31 -20.90 0.15 3.20
N VAL B 32 -21.19 -1.06 3.66
CA VAL B 32 -22.20 -1.26 4.70
C VAL B 32 -21.56 -1.06 6.09
N GLY B 33 -22.03 -0.04 6.82
CA GLY B 33 -21.44 0.33 8.11
C GLY B 33 -21.25 -0.81 9.10
N ALA B 34 -22.23 -1.73 9.16
CA ALA B 34 -22.22 -2.95 9.98
C ALA B 34 -20.96 -3.80 9.83
N TYR B 35 -20.32 -3.75 8.67
CA TYR B 35 -19.11 -4.53 8.43
C TYR B 35 -17.87 -3.78 8.89
N GLY B 36 -18.05 -2.53 9.29
CA GLY B 36 -17.04 -1.80 10.07
C GLY B 36 -15.95 -1.08 9.32
N GLN B 37 -16.15 -0.87 8.01
CA GLN B 37 -15.15 -0.23 7.17
C GLN B 37 -15.53 1.18 6.77
N THR B 38 -16.83 1.47 6.70
CA THR B 38 -17.32 2.74 6.15
C THR B 38 -18.45 3.31 6.99
N GLN B 39 -18.22 4.50 7.52
CA GLN B 39 -19.21 5.17 8.32
C GLN B 39 -20.14 5.93 7.37
N GLY B 40 -21.43 5.92 7.67
CA GLY B 40 -22.37 6.90 7.11
C GLY B 40 -23.17 6.53 5.87
N CYS B 41 -22.90 5.39 5.20
CA CYS B 41 -23.62 5.12 3.93
C CYS B 41 -24.91 4.29 4.00
N THR B 42 -25.11 3.57 5.11
CA THR B 42 -26.20 2.58 5.18
C THR B 42 -26.79 2.45 6.56
N LEU B 43 -27.02 3.57 7.23
CA LEU B 43 -27.53 3.61 8.61
CA LEU B 43 -27.50 3.56 8.61
C LEU B 43 -28.70 2.64 8.82
N PRO B 44 -29.72 2.68 7.94
CA PRO B 44 -30.87 1.75 8.11
C PRO B 44 -30.60 0.23 8.01
N ILE B 45 -29.62 -0.16 7.18
CA ILE B 45 -29.13 -1.52 7.11
C ILE B 45 -28.35 -1.90 8.37
N ASP B 46 -27.52 -0.96 8.83
CA ASP B 46 -26.77 -1.17 10.06
C ASP B 46 -27.69 -1.39 11.23
N GLU B 47 -28.84 -0.76 11.22
CA GLU B 47 -29.77 -0.88 12.33
C GLU B 47 -30.49 -2.21 12.42
N VAL B 48 -30.86 -2.75 11.28
CA VAL B 48 -31.34 -4.10 11.22
C VAL B 48 -30.23 -5.05 11.69
N ALA B 49 -29.01 -4.82 11.20
CA ALA B 49 -27.84 -5.64 11.56
C ALA B 49 -27.63 -5.71 13.07
N SER B 50 -27.76 -4.56 13.70
CA SER B 50 -27.69 -4.44 15.17
C SER B 50 -28.70 -5.26 15.96
N ARG B 51 -29.84 -5.57 15.38
CA ARG B 51 -30.82 -6.42 16.04
C ARG B 51 -30.66 -7.92 15.77
N GLY B 52 -29.79 -8.29 14.84
CA GLY B 52 -29.66 -9.67 14.42
C GLY B 52 -28.23 -10.06 14.17
N VAL B 53 -27.99 -10.71 13.05
CA VAL B 53 -26.74 -11.42 12.80
C VAL B 53 -26.20 -10.97 11.44
N ILE B 54 -24.89 -10.68 11.32
CA ILE B 54 -24.26 -10.55 10.02
C ILE B 54 -23.19 -11.62 9.76
N PHE B 55 -23.14 -12.13 8.53
CA PHE B 55 -22.11 -13.10 8.13
C PHE B 55 -20.98 -12.44 7.37
N SER B 56 -19.75 -12.68 7.84
CA SER B 56 -18.51 -12.19 7.27
C SER B 56 -18.11 -12.87 5.99
N ASN B 57 -18.44 -14.16 5.90
CA ASN B 57 -18.08 -14.96 4.75
C ASN B 57 -19.34 -15.37 4.04
N ALA B 58 -19.71 -14.64 3.02
CA ALA B 58 -21.01 -14.77 2.38
C ALA B 58 -20.79 -14.69 0.87
N TYR B 59 -20.44 -15.82 0.27
CA TYR B 59 -19.94 -15.85 -1.09
C TYR B 59 -21.02 -16.24 -2.10
N VAL B 60 -21.09 -15.51 -3.20
CA VAL B 60 -22.11 -15.73 -4.23
C VAL B 60 -21.55 -16.65 -5.30
N GLY B 61 -22.42 -17.47 -5.90
CA GLY B 61 -22.04 -18.42 -6.94
C GLY B 61 -21.48 -17.83 -8.22
N CYS B 62 -21.75 -16.55 -8.49
CA CYS B 62 -21.19 -15.87 -9.66
C CYS B 62 -21.28 -14.37 -9.50
N PRO B 63 -20.17 -13.67 -9.71
CA PRO B 63 -20.21 -12.23 -9.65
C PRO B 63 -20.87 -11.54 -10.89
N LEU B 64 -22.14 -11.83 -11.13
CA LEU B 64 -22.84 -11.25 -12.30
C LEU B 64 -24.30 -11.45 -12.05
N SER B 65 -25.10 -10.47 -12.43
CA SER B 65 -26.48 -10.40 -11.98
C SER B 65 -27.33 -11.59 -12.34
N GLN B 66 -27.44 -11.94 -13.63
CA GLN B 66 -28.40 -12.99 -14.02
C GLN B 66 -28.00 -14.40 -13.51
N PRO B 67 -26.75 -14.77 -13.69
CA PRO B 67 -26.37 -16.02 -13.14
C PRO B 67 -26.60 -16.12 -11.64
N SER B 68 -26.26 -15.07 -10.88
CA SER B 68 -26.38 -15.12 -9.43
CA SER B 68 -26.38 -15.15 -9.42
C SER B 68 -27.84 -15.21 -8.99
N ARG B 69 -28.71 -14.49 -9.67
CA ARG B 69 -30.16 -14.52 -9.33
C ARG B 69 -30.84 -15.82 -9.71
N ALA B 70 -30.45 -16.40 -10.84
CA ALA B 70 -31.02 -17.66 -11.29
C ALA B 70 -30.62 -18.78 -10.32
N ALA B 71 -29.41 -18.65 -9.80
CA ALA B 71 -28.84 -19.59 -8.83
C ALA B 71 -29.53 -19.45 -7.47
N LEU B 72 -29.67 -18.21 -7.01
CA LEU B 72 -30.12 -17.89 -5.66
C LEU B 72 -31.51 -18.38 -5.40
N TRP B 73 -32.44 -18.02 -6.28
CA TRP B 73 -33.85 -18.34 -6.04
C TRP B 73 -34.18 -19.82 -6.30
N SER B 74 -33.29 -20.53 -7.00
CA SER B 74 -33.37 -21.99 -7.14
C SER B 74 -32.48 -22.79 -6.17
N GLY B 75 -31.64 -22.12 -5.40
CA GLY B 75 -30.77 -22.80 -4.44
C GLY B 75 -29.80 -23.75 -5.09
N MSE B 76 -29.30 -23.33 -6.26
CA MSE B 76 -28.37 -24.11 -7.11
C MSE B 76 -27.14 -23.30 -7.47
O MSE B 76 -27.11 -22.10 -7.26
CB MSE B 76 -29.03 -24.44 -8.43
CG MSE B 76 -29.73 -25.73 -8.45
SE MSE B 76 -31.00 -25.75 -9.89
CE MSE B 76 -32.52 -26.41 -8.84
N MSE B 77 -26.17 -23.96 -8.09
CA MSE B 77 -25.02 -23.29 -8.70
C MSE B 77 -25.29 -22.97 -10.20
O MSE B 77 -26.17 -23.59 -10.82
CB MSE B 77 -23.77 -24.14 -8.51
CG MSE B 77 -23.33 -24.20 -7.02
SE MSE B 77 -22.92 -22.41 -6.21
CE MSE B 77 -21.08 -22.23 -6.89
N PRO B 78 -24.61 -21.96 -10.75
CA PRO B 78 -24.84 -21.50 -12.13
C PRO B 78 -24.60 -22.50 -13.26
N HIS B 79 -23.63 -23.38 -13.11
CA HIS B 79 -23.42 -24.45 -14.07
C HIS B 79 -24.56 -25.46 -14.05
N GLN B 80 -25.27 -25.55 -12.91
CA GLN B 80 -26.44 -26.40 -12.73
C GLN B 80 -27.76 -25.78 -13.22
N THR B 81 -27.93 -24.46 -13.10
CA THR B 81 -29.07 -23.80 -13.79
C THR B 81 -28.82 -23.64 -15.30
N ASN B 82 -27.54 -23.63 -15.68
CA ASN B 82 -27.07 -23.28 -17.03
C ASN B 82 -27.39 -21.85 -17.48
N VAL B 83 -27.66 -20.97 -16.49
CA VAL B 83 -27.63 -19.52 -16.68
C VAL B 83 -26.27 -19.02 -16.19
N ARG B 84 -25.34 -18.87 -17.11
CA ARG B 84 -23.91 -18.64 -16.79
C ARG B 84 -23.43 -17.32 -17.27
N SER B 85 -24.30 -16.59 -17.98
CA SER B 85 -23.98 -15.27 -18.38
C SER B 85 -25.25 -14.39 -18.34
N ASN B 86 -25.12 -13.13 -18.72
CA ASN B 86 -26.27 -12.23 -18.77
C ASN B 86 -27.03 -12.33 -20.09
N SER B 87 -26.55 -13.18 -21.00
CA SER B 87 -27.22 -13.42 -22.26
C SER B 87 -28.58 -14.14 -22.10
N SER B 88 -29.53 -13.82 -22.97
CA SER B 88 -30.79 -14.58 -23.05
C SER B 88 -30.62 -15.98 -23.72
N GLU B 89 -31.74 -16.66 -24.00
CA GLU B 89 -31.71 -17.95 -24.76
C GLU B 89 -31.34 -17.71 -26.25
N PRO B 90 -30.77 -18.72 -26.92
CA PRO B 90 -30.48 -20.12 -26.54
C PRO B 90 -29.28 -20.24 -25.64
N VAL B 91 -28.52 -19.16 -25.57
CA VAL B 91 -27.24 -19.18 -24.87
C VAL B 91 -27.43 -19.78 -23.45
N ASN B 92 -28.37 -19.20 -22.72
CA ASN B 92 -28.75 -19.68 -21.39
C ASN B 92 -30.19 -20.14 -21.39
N THR B 93 -30.47 -21.18 -20.59
CA THR B 93 -31.80 -21.83 -20.55
C THR B 93 -32.68 -21.35 -19.37
N ARG B 94 -33.94 -20.97 -19.64
CA ARG B 94 -34.89 -20.65 -18.58
CA ARG B 94 -34.88 -20.65 -18.57
C ARG B 94 -35.05 -21.87 -17.67
N LEU B 95 -35.12 -21.62 -16.37
CA LEU B 95 -35.23 -22.72 -15.40
C LEU B 95 -36.54 -23.47 -15.64
N PRO B 96 -36.47 -24.80 -15.76
CA PRO B 96 -37.71 -25.56 -15.96
C PRO B 96 -38.68 -25.45 -14.78
N GLU B 97 -39.96 -25.56 -15.11
CA GLU B 97 -41.04 -25.42 -14.14
C GLU B 97 -41.16 -26.59 -13.20
N ASN B 98 -40.41 -27.66 -13.43
CA ASN B 98 -40.38 -28.77 -12.48
C ASN B 98 -39.27 -28.59 -11.44
N VAL B 99 -38.45 -27.54 -11.58
CA VAL B 99 -37.42 -27.28 -10.60
C VAL B 99 -38.02 -26.44 -9.46
N PRO B 100 -37.99 -26.97 -8.21
CA PRO B 100 -38.48 -26.20 -7.06
C PRO B 100 -37.66 -24.92 -6.81
N THR B 101 -38.36 -23.81 -6.59
CA THR B 101 -37.75 -22.53 -6.24
C THR B 101 -38.17 -22.09 -4.84
N LEU B 102 -37.64 -20.96 -4.38
CA LEU B 102 -38.09 -20.37 -3.12
C LEU B 102 -39.60 -20.08 -3.18
N GLY B 103 -40.06 -19.49 -4.29
CA GLY B 103 -41.45 -19.06 -4.47
C GLY B 103 -42.45 -20.21 -4.49
N SER B 104 -42.14 -21.25 -5.26
CA SER B 104 -42.98 -22.45 -5.36
C SER B 104 -43.06 -23.16 -4.01
N LEU B 105 -41.93 -23.42 -3.38
CA LEU B 105 -41.95 -24.02 -2.04
C LEU B 105 -42.81 -23.19 -1.07
N PHE B 106 -42.64 -21.87 -1.07
CA PHE B 106 -43.33 -21.00 -0.09
C PHE B 106 -44.81 -20.88 -0.43
N SER B 107 -45.08 -20.67 -1.70
CA SER B 107 -46.43 -20.46 -2.19
C SER B 107 -47.28 -21.75 -2.00
N GLU B 108 -46.72 -22.89 -2.40
CA GLU B 108 -47.35 -24.19 -2.18
C GLU B 108 -47.56 -24.50 -0.70
N SER B 109 -46.79 -23.86 0.18
CA SER B 109 -47.01 -24.01 1.61
C SER B 109 -48.02 -23.04 2.21
N GLY B 110 -48.67 -22.22 1.37
CA GLY B 110 -49.67 -21.25 1.85
C GLY B 110 -49.19 -19.85 2.24
N TYR B 111 -47.94 -19.51 1.99
CA TYR B 111 -47.51 -18.12 2.08
C TYR B 111 -47.98 -17.38 0.84
N GLU B 112 -48.45 -16.14 1.00
CA GLU B 112 -48.49 -15.18 -0.11
C GLU B 112 -47.03 -14.74 -0.42
N ALA B 113 -46.63 -14.93 -1.68
CA ALA B 113 -45.27 -14.65 -2.11
C ALA B 113 -45.30 -13.56 -3.20
N VAL B 114 -44.76 -12.40 -2.89
CA VAL B 114 -44.79 -11.28 -3.80
C VAL B 114 -43.35 -10.75 -4.06
N HIS B 115 -43.12 -10.27 -5.27
CA HIS B 115 -41.82 -9.76 -5.70
C HIS B 115 -41.94 -8.37 -6.31
N PHE B 116 -41.17 -7.41 -5.77
CA PHE B 116 -41.06 -6.10 -6.39
C PHE B 116 -39.67 -5.85 -6.87
N GLY B 117 -39.54 -5.14 -7.98
CA GLY B 117 -38.25 -4.66 -8.44
C GLY B 117 -37.64 -5.50 -9.55
N LYS B 118 -36.32 -5.53 -9.56
CA LYS B 118 -35.55 -6.16 -10.59
C LYS B 118 -35.74 -7.65 -10.55
N THR B 119 -35.98 -8.25 -11.70
CA THR B 119 -36.15 -9.68 -11.82
C THR B 119 -34.80 -10.31 -12.23
N HIS B 120 -34.53 -10.41 -13.54
CA HIS B 120 -33.25 -10.86 -14.10
C HIS B 120 -32.91 -12.27 -13.65
N ASP B 121 -33.94 -13.11 -13.62
CA ASP B 121 -33.89 -14.33 -12.88
C ASP B 121 -33.94 -15.59 -13.76
N MSE B 122 -34.25 -15.42 -15.05
CA MSE B 122 -34.36 -16.56 -15.97
C MSE B 122 -35.33 -17.66 -15.48
O MSE B 122 -35.08 -18.87 -15.65
CB MSE B 122 -32.96 -17.16 -16.22
CG MSE B 122 -32.11 -16.40 -17.24
SE MSE B 122 -32.88 -16.30 -19.08
CE MSE B 122 -33.95 -17.85 -18.99
N GLY B 123 -36.42 -17.24 -14.84
CA GLY B 123 -37.43 -18.19 -14.40
C GLY B 123 -37.35 -18.70 -12.97
N SER B 124 -36.27 -18.37 -12.25
CA SER B 124 -36.09 -18.86 -10.88
C SER B 124 -36.99 -18.16 -9.86
N LEU B 125 -37.64 -17.06 -10.26
CA LEU B 125 -38.67 -16.40 -9.44
C LEU B 125 -40.06 -17.04 -9.57
N ARG B 126 -40.17 -18.17 -10.24
CA ARG B 126 -41.43 -18.89 -10.35
C ARG B 126 -41.94 -19.15 -8.94
N GLY B 127 -43.23 -18.87 -8.74
CA GLY B 127 -43.84 -18.95 -7.42
C GLY B 127 -44.19 -17.59 -6.85
N PHE B 128 -43.37 -16.59 -7.13
CA PHE B 128 -43.68 -15.21 -6.72
C PHE B 128 -44.62 -14.50 -7.69
N LYS B 129 -45.55 -13.72 -7.14
CA LYS B 129 -46.34 -12.79 -7.92
C LYS B 129 -45.52 -11.50 -8.01
N HIS B 130 -45.00 -11.26 -9.22
CA HIS B 130 -44.14 -10.13 -9.48
C HIS B 130 -44.97 -8.94 -9.90
N LYS B 131 -44.63 -7.76 -9.38
CA LYS B 131 -45.14 -6.49 -9.94
C LYS B 131 -43.99 -5.67 -10.56
N GLU B 132 -44.14 -5.34 -11.84
CA GLU B 132 -43.10 -4.55 -12.53
C GLU B 132 -43.10 -3.10 -12.06
N PRO B 133 -41.93 -2.58 -11.65
CA PRO B 133 -41.86 -1.18 -11.22
C PRO B 133 -41.96 -0.23 -12.41
N VAL B 134 -42.42 1.00 -12.18
CA VAL B 134 -42.50 2.02 -13.24
C VAL B 134 -41.47 3.11 -12.92
N ALA B 135 -40.63 3.44 -13.90
CA ALA B 135 -39.55 4.41 -13.70
C ALA B 135 -40.14 5.81 -13.50
N LYS B 136 -39.65 6.49 -12.47
CA LYS B 136 -40.11 7.81 -12.16
C LYS B 136 -38.90 8.73 -12.20
N PRO B 137 -38.69 9.44 -13.33
CA PRO B 137 -37.50 10.26 -13.42
C PRO B 137 -37.43 11.47 -12.49
N PHE B 138 -36.20 11.86 -12.16
CA PHE B 138 -35.91 13.02 -11.34
C PHE B 138 -34.46 13.44 -11.68
N THR B 139 -34.04 14.58 -11.14
CA THR B 139 -32.71 15.14 -11.40
C THR B 139 -31.89 15.22 -10.10
N ASP B 140 -30.61 14.95 -10.20
CA ASP B 140 -29.71 14.98 -9.05
C ASP B 140 -28.69 16.07 -9.33
N PRO B 141 -28.51 17.01 -8.40
CA PRO B 141 -27.67 18.12 -8.79
C PRO B 141 -26.18 17.79 -8.87
N GLU B 142 -25.76 16.61 -8.40
CA GLU B 142 -24.31 16.28 -8.36
C GLU B 142 -23.86 15.03 -9.09
N PHE B 143 -24.73 14.03 -9.12
CA PHE B 143 -24.38 12.77 -9.72
C PHE B 143 -25.35 12.43 -10.86
N PRO B 144 -24.82 11.81 -11.91
CA PRO B 144 -25.73 11.33 -12.95
C PRO B 144 -26.63 10.23 -12.42
N VAL B 145 -27.92 10.33 -12.73
CA VAL B 145 -28.85 9.30 -12.42
C VAL B 145 -29.59 8.86 -13.70
N ASN B 146 -29.91 7.58 -13.79
CA ASN B 146 -30.53 7.01 -14.95
C ASN B 146 -31.65 6.05 -14.51
N ASN B 147 -32.20 5.24 -15.41
CA ASN B 147 -33.35 4.34 -15.11
C ASN B 147 -33.17 3.31 -13.99
N ASP B 148 -31.95 3.10 -13.53
CA ASP B 148 -31.72 2.23 -12.37
C ASP B 148 -32.29 2.92 -11.17
N SER B 149 -31.95 4.18 -11.03
CA SER B 149 -32.44 4.98 -9.92
C SER B 149 -33.93 5.29 -9.99
N PHE B 150 -34.44 5.38 -11.20
CA PHE B 150 -35.80 5.79 -11.45
C PHE B 150 -36.75 4.63 -11.17
N LEU B 151 -36.31 3.45 -11.53
CA LEU B 151 -37.06 2.24 -11.27
C LEU B 151 -37.08 1.96 -9.78
N ASP B 152 -35.98 2.24 -9.11
CA ASP B 152 -35.89 2.13 -7.67
C ASP B 152 -36.98 2.94 -6.95
N VAL B 153 -37.31 4.12 -7.48
CA VAL B 153 -38.40 4.96 -6.94
C VAL B 153 -39.73 4.21 -7.05
N GLY B 154 -39.90 3.44 -8.10
CA GLY B 154 -41.13 2.65 -8.28
C GLY B 154 -41.16 1.41 -7.43
N THR B 155 -40.04 0.72 -7.37
CA THR B 155 -39.93 -0.46 -6.54
C THR B 155 -40.26 -0.09 -5.12
N CYS B 156 -39.76 1.07 -4.69
CA CYS B 156 -39.98 1.55 -3.33
C CYS B 156 -41.44 1.83 -3.06
N GLU B 157 -42.11 2.50 -3.99
CA GLU B 157 -43.53 2.78 -3.86
C GLU B 157 -44.38 1.54 -3.80
N ASP B 158 -44.03 0.55 -4.61
CA ASP B 158 -44.78 -0.69 -4.65
C ASP B 158 -44.69 -1.42 -3.32
N ALA B 159 -43.47 -1.53 -2.80
CA ALA B 159 -43.24 -2.30 -1.57
C ALA B 159 -43.80 -1.58 -0.35
N VAL B 160 -43.68 -0.26 -0.32
CA VAL B 160 -44.32 0.53 0.71
C VAL B 160 -45.83 0.34 0.67
N ALA B 161 -46.42 0.34 -0.51
CA ALA B 161 -47.86 0.12 -0.65
C ALA B 161 -48.25 -1.22 -0.12
N TYR B 162 -47.48 -2.24 -0.47
CA TYR B 162 -47.77 -3.58 -0.05
C TYR B 162 -47.71 -3.70 1.45
N LEU B 163 -46.60 -3.27 2.03
CA LEU B 163 -46.34 -3.57 3.44
C LEU B 163 -47.10 -2.63 4.39
N SER B 164 -47.61 -1.53 3.85
CA SER B 164 -48.38 -0.55 4.62
C SER B 164 -49.77 -1.10 4.90
N ASN B 165 -50.23 -1.99 4.03
CA ASN B 165 -51.52 -2.63 4.17
C ASN B 165 -51.43 -4.12 3.72
N PRO B 166 -50.87 -5.01 4.57
CA PRO B 166 -50.41 -6.28 4.05
C PRO B 166 -51.52 -7.28 3.97
N PRO B 167 -51.69 -7.91 2.81
CA PRO B 167 -52.48 -9.11 2.85
C PRO B 167 -51.54 -10.31 2.95
N LYS B 168 -52.09 -11.49 3.20
CA LYS B 168 -53.21 -11.66 4.10
C LYS B 168 -52.54 -12.28 5.32
N GLU B 169 -51.19 -12.29 5.27
CA GLU B 169 -50.31 -12.97 6.21
C GLU B 169 -50.60 -14.50 6.24
N PRO B 170 -49.58 -15.33 6.32
CA PRO B 170 -48.15 -15.01 6.33
C PRO B 170 -47.62 -14.75 4.92
N PHE B 171 -46.70 -13.79 4.83
CA PHE B 171 -46.16 -13.40 3.53
C PHE B 171 -44.65 -13.55 3.43
N ILE B 172 -44.16 -13.71 2.20
CA ILE B 172 -42.74 -13.59 1.86
C ILE B 172 -42.65 -12.58 0.74
N CYS B 173 -41.91 -11.50 0.99
CA CYS B 173 -41.87 -10.38 0.09
C CYS B 173 -40.42 -10.06 -0.35
N ILE B 174 -40.20 -9.88 -1.64
CA ILE B 174 -38.86 -9.48 -2.15
C ILE B 174 -38.89 -8.05 -2.70
N ALA B 175 -38.00 -7.20 -2.19
CA ALA B 175 -37.75 -5.87 -2.74
C ALA B 175 -36.37 -5.90 -3.36
N ASP B 176 -36.36 -6.03 -4.68
CA ASP B 176 -35.10 -6.13 -5.43
C ASP B 176 -34.75 -4.73 -5.98
N PHE B 177 -33.80 -4.07 -5.35
CA PHE B 177 -33.42 -2.72 -5.75
C PHE B 177 -32.23 -2.74 -6.71
N GLN B 178 -32.15 -1.72 -7.55
CA GLN B 178 -31.08 -1.56 -8.54
C GLN B 178 -29.81 -0.93 -7.96
N ASN B 179 -29.95 0.18 -7.25
CA ASN B 179 -28.78 0.81 -6.70
C ASN B 179 -28.08 -0.10 -5.68
N PRO B 180 -26.73 0.03 -5.54
CA PRO B 180 -25.89 1.03 -6.22
C PRO B 180 -25.41 0.82 -7.72
N HIS B 181 -26.12 0.02 -8.51
CA HIS B 181 -25.84 -0.22 -9.92
C HIS B 181 -25.74 1.02 -10.81
N ASN B 182 -26.35 2.13 -10.41
CA ASN B 182 -26.25 3.36 -11.20
C ASN B 182 -24.78 3.78 -11.37
N ILE B 183 -23.89 3.13 -10.65
CA ILE B 183 -22.48 3.41 -10.76
C ILE B 183 -21.98 3.08 -12.17
N CYS B 184 -22.56 2.08 -12.81
CA CYS B 184 -22.25 1.77 -14.20
C CYS B 184 -22.44 2.96 -15.12
N GLY B 185 -23.62 3.57 -15.04
CA GLY B 185 -23.93 4.78 -15.76
C GLY B 185 -22.95 5.91 -15.45
N PHE B 186 -22.46 5.97 -14.21
CA PHE B 186 -21.49 6.98 -13.83
C PHE B 186 -20.20 6.79 -14.59
N ILE B 187 -19.70 5.56 -14.62
CA ILE B 187 -18.51 5.27 -15.35
C ILE B 187 -18.60 5.72 -16.80
N GLY B 188 -19.71 5.41 -17.47
CA GLY B 188 -19.89 5.79 -18.86
C GLY B 188 -19.75 7.29 -19.08
N GLU B 189 -20.38 8.06 -18.22
CA GLU B 189 -20.28 9.50 -18.22
C GLU B 189 -18.88 10.04 -18.01
N ASN B 190 -18.01 9.23 -17.41
CA ASN B 190 -16.68 9.66 -16.99
C ASN B 190 -15.63 8.80 -17.67
N ALA B 191 -16.02 8.23 -18.82
CA ALA B 191 -15.17 7.36 -19.60
C ALA B 191 -13.96 8.14 -20.07
N GLY B 192 -12.81 7.46 -20.10
CA GLY B 192 -11.58 8.01 -20.57
C GLY B 192 -10.91 9.00 -19.64
N VAL B 193 -9.89 9.65 -20.19
CA VAL B 193 -9.17 10.73 -19.54
C VAL B 193 -10.13 11.92 -19.43
N HIS B 194 -10.18 12.51 -18.25
CA HIS B 194 -11.26 13.45 -17.92
C HIS B 194 -10.95 14.15 -16.61
N THR B 195 -11.45 15.37 -16.51
CA THR B 195 -11.43 16.10 -15.25
C THR B 195 -12.75 15.87 -14.57
N ASP B 196 -12.70 15.60 -13.28
CA ASP B 196 -13.91 15.31 -12.55
C ASP B 196 -14.79 16.54 -12.27
N ARG B 197 -16.06 16.37 -12.61
CA ARG B 197 -17.13 17.20 -12.15
C ARG B 197 -17.02 17.36 -10.61
N PRO B 198 -16.80 18.60 -10.14
CA PRO B 198 -16.76 18.91 -8.70
C PRO B 198 -17.96 18.37 -7.90
N ILE B 199 -17.68 17.94 -6.67
CA ILE B 199 -18.75 17.48 -5.76
C ILE B 199 -18.45 18.04 -4.40
N SER B 200 -19.46 18.08 -3.54
CA SER B 200 -19.35 18.80 -2.28
C SER B 200 -18.72 17.97 -1.18
N GLY B 201 -19.13 16.71 -1.06
CA GLY B 201 -18.71 15.85 0.05
C GLY B 201 -17.21 15.73 0.16
N PRO B 202 -16.75 14.96 1.16
CA PRO B 202 -15.33 14.65 1.20
C PRO B 202 -15.04 13.49 0.24
N LEU B 203 -13.90 13.53 -0.41
CA LEU B 203 -13.57 12.58 -1.43
C LEU B 203 -13.00 11.35 -0.71
N PRO B 204 -13.61 10.17 -0.87
CA PRO B 204 -13.07 8.99 -0.19
C PRO B 204 -11.66 8.66 -0.60
N GLU B 205 -10.90 8.07 0.32
CA GLU B 205 -9.55 7.63 0.02
C GLU B 205 -9.57 6.34 -0.84
N LEU B 206 -8.51 6.09 -1.61
CA LEU B 206 -8.43 4.81 -2.35
C LEU B 206 -8.26 3.63 -1.37
N PRO B 207 -8.71 2.44 -1.77
CA PRO B 207 -8.45 1.34 -0.85
C PRO B 207 -6.97 1.01 -0.76
N ASP B 208 -6.58 0.29 0.28
CA ASP B 208 -5.20 -0.13 0.45
C ASP B 208 -4.77 -1.14 -0.60
N ASN B 209 -5.74 -1.85 -1.19
CA ASN B 209 -5.41 -2.79 -2.26
C ASN B 209 -5.69 -2.24 -3.68
N PHE B 210 -5.75 -0.92 -3.81
CA PHE B 210 -5.96 -0.24 -5.08
C PHE B 210 -5.13 -0.77 -6.23
N ASP B 211 -3.81 -0.68 -6.10
CA ASP B 211 -2.91 -1.08 -7.19
C ASP B 211 -2.72 -2.58 -7.27
N VAL B 212 -2.52 -3.06 -8.50
CA VAL B 212 -2.06 -4.44 -8.75
C VAL B 212 -0.53 -4.49 -8.63
N GLU B 213 -0.04 -5.28 -7.67
CA GLU B 213 1.38 -5.26 -7.28
C GLU B 213 2.33 -5.86 -8.32
N ASP B 214 1.81 -6.80 -9.10
CA ASP B 214 2.64 -7.49 -10.08
C ASP B 214 1.75 -8.06 -11.18
N TRP B 215 1.74 -7.37 -12.33
CA TRP B 215 0.87 -7.74 -13.46
C TRP B 215 1.20 -9.10 -14.03
N SER B 216 2.46 -9.52 -13.87
CA SER B 216 2.92 -10.80 -14.41
C SER B 216 2.51 -11.97 -13.55
N ASN B 217 1.78 -11.71 -12.47
CA ASN B 217 1.54 -12.73 -11.44
C ASN B 217 0.03 -12.92 -11.17
N ILE B 218 -0.78 -12.62 -12.19
CA ILE B 218 -2.21 -12.87 -12.18
C ILE B 218 -2.59 -13.58 -13.48
N PRO B 219 -3.71 -14.31 -13.48
CA PRO B 219 -4.11 -15.03 -14.68
C PRO B 219 -4.40 -14.14 -15.88
N THR B 220 -4.21 -14.69 -17.08
CA THR B 220 -4.34 -13.92 -18.32
C THR B 220 -5.70 -13.20 -18.40
N PRO B 221 -6.77 -13.90 -18.04
CA PRO B 221 -8.07 -13.22 -18.08
C PRO B 221 -8.18 -12.00 -17.17
N VAL B 222 -7.56 -12.06 -16.00
CA VAL B 222 -7.60 -10.94 -15.09
C VAL B 222 -6.75 -9.79 -15.62
N GLN B 223 -5.60 -10.12 -16.19
CA GLN B 223 -4.68 -9.11 -16.74
C GLN B 223 -5.37 -8.23 -17.78
N TYR B 224 -6.32 -8.84 -18.52
CA TYR B 224 -6.93 -8.23 -19.70
C TYR B 224 -8.41 -7.90 -19.57
N ILE B 225 -8.90 -7.81 -18.33
CA ILE B 225 -10.26 -7.28 -18.04
C ILE B 225 -10.48 -5.92 -18.75
N CYS B 226 -9.44 -5.09 -18.82
CA CYS B 226 -9.53 -3.82 -19.58
C CYS B 226 -9.96 -4.00 -21.05
N CYS B 227 -9.66 -5.17 -21.63
CA CYS B 227 -10.04 -5.47 -23.00
C CYS B 227 -11.45 -6.09 -23.08
N SER B 228 -11.74 -7.05 -22.20
CA SER B 228 -13.03 -7.75 -22.22
C SER B 228 -14.23 -7.07 -21.51
N HIS B 229 -13.97 -6.14 -20.57
CA HIS B 229 -15.03 -5.56 -19.72
C HIS B 229 -15.14 -4.09 -20.06
N ARG B 230 -16.28 -3.71 -20.60
CA ARG B 230 -16.44 -2.40 -21.21
C ARG B 230 -16.11 -1.31 -20.22
N ARG B 231 -16.56 -1.48 -18.99
CA ARG B 231 -16.44 -0.44 -18.00
C ARG B 231 -15.00 -0.28 -17.56
N MSE B 232 -14.22 -1.36 -17.65
CA MSE B 232 -12.80 -1.28 -17.37
C MSE B 232 -12.08 -0.61 -18.49
O MSE B 232 -11.16 0.16 -18.25
CB MSE B 232 -12.17 -2.64 -17.16
CG MSE B 232 -12.06 -2.93 -15.74
SE MSE B 232 -10.78 -1.93 -14.60
CE MSE B 232 -10.15 -0.21 -15.36
N THR B 233 -12.48 -0.92 -19.72
CA THR B 233 -12.00 -0.17 -20.87
C THR B 233 -12.17 1.31 -20.63
N GLN B 234 -13.33 1.72 -20.16
CA GLN B 234 -13.58 3.13 -19.89
C GLN B 234 -12.80 3.71 -18.73
N ALA B 235 -12.40 2.87 -17.78
CA ALA B 235 -11.73 3.33 -16.57
C ALA B 235 -10.23 3.08 -16.58
N ALA B 236 -9.73 2.45 -17.64
CA ALA B 236 -8.34 1.97 -17.69
C ALA B 236 -7.30 3.08 -17.50
N HIS B 237 -7.52 4.22 -18.14
CA HIS B 237 -6.58 5.31 -18.04
C HIS B 237 -6.96 6.33 -16.94
N TRP B 238 -7.88 5.94 -16.07
CA TRP B 238 -8.29 6.79 -14.99
C TRP B 238 -7.08 6.99 -14.11
N ASN B 239 -6.93 8.22 -13.65
CA ASN B 239 -6.00 8.57 -12.60
C ASN B 239 -6.62 8.46 -11.18
N GLU B 240 -5.79 8.63 -10.15
CA GLU B 240 -6.22 8.42 -8.75
C GLU B 240 -7.47 9.22 -8.38
N GLU B 241 -7.49 10.50 -8.70
CA GLU B 241 -8.63 11.35 -8.43
C GLU B 241 -9.92 10.92 -9.15
N ASN B 242 -9.78 10.39 -10.38
CA ASN B 242 -10.90 9.87 -11.16
C ASN B 242 -11.55 8.71 -10.40
N TYR B 243 -10.70 7.88 -9.80
CA TYR B 243 -11.13 6.73 -9.04
C TYR B 243 -11.74 7.08 -7.70
N ARG B 244 -11.23 8.11 -7.06
CA ARG B 244 -11.78 8.52 -5.78
C ARG B 244 -13.17 9.11 -5.97
N HIS B 245 -13.37 9.74 -7.12
CA HIS B 245 -14.71 10.21 -7.55
C HIS B 245 -15.70 9.09 -7.90
N TYR B 246 -15.17 8.01 -8.46
CA TYR B 246 -15.93 6.77 -8.64
C TYR B 246 -16.39 6.25 -7.28
N ILE B 247 -15.49 6.20 -6.31
CA ILE B 247 -15.85 5.69 -4.97
C ILE B 247 -16.89 6.57 -4.33
N ALA B 248 -16.78 7.90 -4.55
CA ALA B 248 -17.74 8.85 -4.00
C ALA B 248 -19.14 8.71 -4.66
N ALA B 249 -19.18 8.42 -5.97
CA ALA B 249 -20.43 8.10 -6.67
C ALA B 249 -21.09 6.85 -6.09
N PHE B 250 -20.31 5.78 -5.95
CA PHE B 250 -20.75 4.54 -5.33
C PHE B 250 -21.39 4.75 -3.94
N GLN B 251 -20.74 5.52 -3.09
CA GLN B 251 -21.31 5.93 -1.78
C GLN B 251 -22.63 6.68 -1.89
N HIS B 252 -22.74 7.50 -2.92
CA HIS B 252 -23.94 8.31 -3.12
C HIS B 252 -25.15 7.46 -3.51
N TYR B 253 -24.98 6.60 -4.51
CA TYR B 253 -26.02 5.67 -4.93
C TYR B 253 -26.38 4.66 -3.82
N THR B 254 -25.43 4.36 -2.93
CA THR B 254 -25.68 3.52 -1.75
C THR B 254 -26.50 4.29 -0.71
N LYS B 255 -26.17 5.56 -0.47
CA LYS B 255 -27.02 6.40 0.38
C LYS B 255 -28.45 6.48 -0.19
N MSE B 256 -28.54 6.60 -1.50
CA MSE B 256 -29.81 6.76 -2.16
C MSE B 256 -30.73 5.52 -2.01
O MSE B 256 -31.93 5.64 -1.79
CB MSE B 256 -29.50 7.06 -3.63
CG MSE B 256 -30.69 7.46 -4.46
SE MSE B 256 -30.12 7.73 -6.31
CE MSE B 256 -28.85 9.16 -6.08
N VAL B 257 -30.18 4.32 -2.13
CA VAL B 257 -30.98 3.16 -1.95
C VAL B 257 -31.34 2.94 -0.46
N SER B 258 -30.45 3.35 0.43
CA SER B 258 -30.66 3.15 1.85
C SER B 258 -31.80 4.00 2.35
N LYS B 259 -31.99 5.18 1.78
CA LYS B 259 -33.15 5.98 2.10
C LYS B 259 -34.43 5.29 1.71
N GLN B 260 -34.38 4.48 0.65
CA GLN B 260 -35.51 3.66 0.24
C GLN B 260 -35.68 2.34 1.04
N VAL B 261 -34.60 1.75 1.51
CA VAL B 261 -34.70 0.67 2.49
C VAL B 261 -35.36 1.23 3.78
N ASP B 262 -34.90 2.39 4.23
CA ASP B 262 -35.54 3.03 5.37
C ASP B 262 -37.04 3.20 5.19
N SER B 263 -37.49 3.62 4.02
CA SER B 263 -38.94 3.77 3.74
C SER B 263 -39.73 2.47 3.72
N VAL B 264 -39.13 1.45 3.15
CA VAL B 264 -39.69 0.14 3.15
C VAL B 264 -39.88 -0.38 4.57
N LEU B 265 -38.84 -0.24 5.39
CA LEU B 265 -38.88 -0.65 6.80
C LEU B 265 -39.84 0.15 7.66
N LYS B 266 -39.93 1.44 7.44
CA LYS B 266 -40.99 2.24 8.05
C LYS B 266 -42.40 1.73 7.70
N ALA B 267 -42.61 1.27 6.46
CA ALA B 267 -43.91 0.71 6.07
C ALA B 267 -44.14 -0.67 6.74
N LEU B 268 -43.10 -1.47 6.84
CA LEU B 268 -43.19 -2.78 7.46
C LEU B 268 -43.67 -2.71 8.92
N TYR B 269 -43.05 -1.81 9.70
CA TYR B 269 -43.33 -1.67 11.12
C TYR B 269 -44.47 -0.70 11.40
N SER B 270 -45.17 -0.26 10.37
CA SER B 270 -46.34 0.55 10.56
C SER B 270 -47.56 -0.31 10.82
N THR B 271 -47.39 -1.63 10.80
CA THR B 271 -48.47 -2.50 11.19
C THR B 271 -47.90 -3.58 12.08
N PRO B 272 -48.79 -4.27 12.83
CA PRO B 272 -48.51 -5.47 13.61
C PRO B 272 -47.76 -6.59 12.89
N ALA B 273 -47.78 -6.61 11.56
CA ALA B 273 -47.06 -7.61 10.79
C ALA B 273 -45.55 -7.44 10.98
N GLY B 274 -45.14 -6.19 11.18
CA GLY B 274 -43.72 -5.84 11.16
C GLY B 274 -42.92 -6.63 12.15
N ARG B 275 -43.42 -6.65 13.38
CA ARG B 275 -42.70 -7.31 14.45
C ARG B 275 -42.68 -8.81 14.29
N ASN B 276 -43.60 -9.35 13.49
CA ASN B 276 -43.62 -10.79 13.18
CA ASN B 276 -43.63 -10.78 13.19
C ASN B 276 -42.88 -11.11 11.89
N THR B 277 -41.97 -10.21 11.47
CA THR B 277 -41.25 -10.36 10.20
C THR B 277 -39.74 -10.51 10.34
N ILE B 278 -39.19 -11.54 9.70
CA ILE B 278 -37.75 -11.74 9.57
C ILE B 278 -37.25 -10.95 8.32
N VAL B 279 -36.26 -10.08 8.53
CA VAL B 279 -35.71 -9.20 7.52
C VAL B 279 -34.32 -9.69 7.11
N VAL B 280 -34.12 -9.85 5.80
CA VAL B 280 -32.84 -10.30 5.22
C VAL B 280 -32.40 -9.22 4.24
N ILE B 281 -31.17 -8.79 4.36
CA ILE B 281 -30.61 -7.79 3.49
C ILE B 281 -29.36 -8.37 2.85
N MSE B 282 -29.27 -8.29 1.53
CA MSE B 282 -28.10 -8.86 0.81
C MSE B 282 -27.89 -8.21 -0.56
O MSE B 282 -28.53 -7.24 -0.91
CB MSE B 282 -28.29 -10.36 0.62
CG MSE B 282 -29.43 -10.66 -0.33
SE MSE B 282 -30.15 -12.44 -0.17
CE MSE B 282 -28.46 -13.43 -0.49
N ALA B 283 -26.94 -8.76 -1.31
CA ALA B 283 -26.60 -8.28 -2.63
C ALA B 283 -26.46 -9.51 -3.55
N ASP B 284 -26.70 -9.33 -4.84
CA ASP B 284 -26.43 -10.40 -5.82
C ASP B 284 -24.93 -10.60 -6.09
N HIS B 285 -24.18 -9.53 -5.89
CA HIS B 285 -22.74 -9.52 -6.01
C HIS B 285 -22.34 -8.11 -5.63
N GLY B 286 -21.04 -7.87 -5.53
CA GLY B 286 -20.55 -6.57 -5.17
C GLY B 286 -19.93 -5.78 -6.31
N ASP B 287 -18.83 -5.08 -5.99
CA ASP B 287 -18.25 -4.06 -6.87
C ASP B 287 -16.80 -3.93 -6.50
N GLY B 288 -15.91 -3.83 -7.47
CA GLY B 288 -14.48 -3.71 -7.12
C GLY B 288 -14.09 -2.48 -6.29
N MSE B 289 -14.79 -1.37 -6.47
CA MSE B 289 -14.55 -0.14 -5.71
C MSE B 289 -13.10 0.35 -5.78
O MSE B 289 -12.56 0.92 -4.81
CB MSE B 289 -14.98 -0.32 -4.27
CG MSE B 289 -16.50 -0.39 -4.07
SE MSE B 289 -16.89 -0.84 -2.20
CE MSE B 289 -15.95 -2.60 -2.09
N ALA B 290 -12.50 0.16 -6.94
CA ALA B 290 -11.11 0.58 -7.19
C ALA B 290 -10.08 -0.37 -6.59
N SER B 291 -10.49 -1.40 -5.84
CA SER B 291 -9.53 -2.44 -5.45
C SER B 291 -9.02 -3.23 -6.67
N HIS B 292 -7.72 -3.47 -6.70
CA HIS B 292 -7.08 -4.09 -7.86
C HIS B 292 -7.48 -3.34 -9.15
N ARG B 293 -7.58 -2.01 -9.04
CA ARG B 293 -7.92 -1.08 -10.13
C ARG B 293 -9.28 -1.33 -10.80
N MSE B 294 -10.09 -2.19 -10.18
CA MSE B 294 -11.28 -2.72 -10.77
C MSE B 294 -12.43 -1.77 -10.58
O MSE B 294 -12.57 -1.13 -9.54
CB MSE B 294 -11.59 -4.07 -10.13
CG MSE B 294 -12.74 -4.83 -10.73
SE MSE B 294 -12.47 -5.25 -12.62
CE MSE B 294 -14.23 -6.05 -12.99
N VAL B 295 -13.26 -1.65 -11.62
CA VAL B 295 -14.58 -1.09 -11.46
C VAL B 295 -15.58 -2.21 -11.79
N THR B 296 -16.64 -2.28 -11.00
CA THR B 296 -17.81 -3.05 -11.33
C THR B 296 -17.48 -4.54 -11.10
N LYS B 297 -17.84 -5.42 -12.02
CA LYS B 297 -17.65 -6.83 -11.85
C LYS B 297 -17.49 -7.45 -13.24
N HIS B 298 -16.64 -8.46 -13.33
CA HIS B 298 -16.22 -9.14 -14.57
C HIS B 298 -15.01 -10.04 -14.27
N ILE B 299 -15.19 -11.34 -14.45
CA ILE B 299 -14.05 -12.34 -14.43
C ILE B 299 -13.42 -12.62 -13.06
N SER B 300 -13.07 -11.57 -12.32
CA SER B 300 -12.30 -11.74 -11.08
C SER B 300 -13.19 -12.16 -9.87
N PHE B 301 -12.54 -12.76 -8.88
CA PHE B 301 -13.20 -13.38 -7.73
C PHE B 301 -12.85 -12.71 -6.40
N TYR B 302 -12.21 -11.55 -6.47
CA TYR B 302 -11.86 -10.82 -5.27
C TYR B 302 -13.12 -10.52 -4.46
N ASP B 303 -12.90 -10.43 -3.14
CA ASP B 303 -13.92 -10.34 -2.10
C ASP B 303 -14.85 -9.17 -2.29
N GLU B 304 -14.31 -8.05 -2.73
CA GLU B 304 -15.13 -6.91 -3.05
C GLU B 304 -16.36 -7.28 -3.89
N MSE B 305 -16.20 -8.28 -4.76
CA MSE B 305 -17.28 -8.69 -5.68
C MSE B 305 -17.98 -9.97 -5.33
O MSE B 305 -19.17 -10.11 -5.61
CB MSE B 305 -16.75 -8.77 -7.11
CG MSE B 305 -16.56 -7.40 -7.71
SE MSE B 305 -14.95 -7.29 -8.76
CE MSE B 305 -13.57 -7.37 -7.40
N THR B 306 -17.27 -10.94 -4.77
CA THR B 306 -17.86 -12.25 -4.50
C THR B 306 -18.44 -12.37 -3.08
N ASN B 307 -18.01 -11.49 -2.16
CA ASN B 307 -18.31 -11.62 -0.73
C ASN B 307 -19.23 -10.51 -0.32
N VAL B 308 -20.51 -10.86 -0.21
CA VAL B 308 -21.58 -9.86 -0.07
C VAL B 308 -22.01 -9.63 1.39
N PRO B 309 -22.72 -8.53 1.63
CA PRO B 309 -23.53 -8.36 2.84
C PRO B 309 -24.57 -9.47 2.94
N PHE B 310 -24.72 -10.03 4.12
CA PHE B 310 -25.67 -11.11 4.36
C PHE B 310 -26.10 -10.99 5.80
N ILE B 311 -27.27 -10.40 5.98
CA ILE B 311 -27.74 -9.88 7.27
C ILE B 311 -29.15 -10.38 7.56
N PHE B 312 -29.37 -10.90 8.79
CA PHE B 312 -30.70 -11.32 9.26
C PHE B 312 -31.09 -10.71 10.62
N ALA B 313 -32.36 -10.39 10.78
CA ALA B 313 -32.91 -9.93 12.05
C ALA B 313 -34.39 -10.27 12.04
N GLY B 314 -34.97 -10.47 13.21
CA GLY B 314 -36.40 -10.74 13.31
C GLY B 314 -36.71 -11.63 14.48
N PRO B 315 -37.97 -12.03 14.59
CA PRO B 315 -38.43 -12.95 15.63
C PRO B 315 -37.69 -14.29 15.64
N GLY B 316 -37.06 -14.62 16.77
CA GLY B 316 -36.36 -15.88 16.93
C GLY B 316 -34.90 -15.83 16.48
N ILE B 317 -34.43 -14.65 16.08
CA ILE B 317 -33.04 -14.50 15.71
C ILE B 317 -32.36 -13.78 16.84
N LYS B 318 -31.39 -14.42 17.48
CA LYS B 318 -30.65 -13.78 18.56
C LYS B 318 -29.73 -12.68 18.01
N GLN B 319 -29.79 -11.50 18.62
CA GLN B 319 -28.86 -10.43 18.35
C GLN B 319 -27.44 -10.90 18.61
N GLN B 320 -26.52 -10.72 17.66
CA GLN B 320 -25.10 -10.93 17.98
C GLN B 320 -24.29 -9.75 17.55
N LYS B 321 -23.52 -9.22 18.49
CA LYS B 321 -22.69 -8.03 18.28
C LYS B 321 -21.56 -8.27 17.31
N LYS B 322 -20.87 -9.39 17.44
CA LYS B 322 -19.71 -9.71 16.56
C LYS B 322 -20.19 -10.42 15.27
N PRO B 323 -19.63 -10.02 14.10
CA PRO B 323 -19.99 -10.75 12.88
C PRO B 323 -19.62 -12.19 13.00
N VAL B 324 -20.41 -13.06 12.38
CA VAL B 324 -20.12 -14.50 12.34
C VAL B 324 -19.00 -14.78 11.33
N ASP B 325 -17.82 -15.09 11.84
CA ASP B 325 -16.67 -15.36 10.97
C ASP B 325 -16.13 -16.82 11.01
N HIS B 326 -16.75 -17.68 11.79
CA HIS B 326 -16.30 -19.08 11.93
C HIS B 326 -16.97 -20.01 10.91
N LEU B 327 -17.95 -19.49 10.18
CA LEU B 327 -18.61 -20.22 9.13
C LEU B 327 -18.25 -19.64 7.77
N LEU B 328 -18.13 -20.55 6.79
CA LEU B 328 -18.13 -20.22 5.38
C LEU B 328 -19.54 -20.42 4.88
N THR B 329 -20.08 -19.38 4.28
CA THR B 329 -21.49 -19.27 3.98
C THR B 329 -21.65 -19.06 2.46
N GLN B 330 -22.77 -19.46 1.90
CA GLN B 330 -22.97 -19.32 0.46
C GLN B 330 -24.42 -18.94 0.21
N PRO B 331 -24.74 -17.64 0.28
CA PRO B 331 -26.14 -17.20 0.17
C PRO B 331 -26.88 -17.79 -1.02
N THR B 332 -26.17 -17.98 -2.15
CA THR B 332 -26.75 -18.56 -3.36
C THR B 332 -27.35 -19.94 -3.12
N LEU B 333 -26.66 -20.78 -2.35
CA LEU B 333 -27.18 -22.09 -1.98
C LEU B 333 -28.02 -22.00 -0.71
N ASP B 334 -27.54 -21.23 0.28
CA ASP B 334 -28.03 -21.31 1.66
C ASP B 334 -29.27 -20.48 1.98
N LEU B 335 -29.64 -19.52 1.14
CA LEU B 335 -30.80 -18.68 1.48
C LEU B 335 -32.06 -19.53 1.41
N LEU B 336 -32.21 -20.34 0.36
CA LEU B 336 -33.43 -21.15 0.19
C LEU B 336 -33.75 -22.06 1.42
N PRO B 337 -32.80 -22.89 1.83
CA PRO B 337 -33.07 -23.73 3.00
C PRO B 337 -33.16 -22.98 4.33
N THR B 338 -32.40 -21.91 4.52
CA THR B 338 -32.50 -21.16 5.77
C THR B 338 -33.89 -20.58 5.92
N LEU B 339 -34.45 -20.00 4.87
CA LEU B 339 -35.78 -19.42 4.99
C LEU B 339 -36.84 -20.51 5.14
N CYS B 340 -36.72 -21.58 4.38
CA CYS B 340 -37.58 -22.74 4.55
C CYS B 340 -37.55 -23.29 5.97
N ASP B 341 -36.37 -23.59 6.46
CA ASP B 341 -36.16 -23.91 7.88
C ASP B 341 -36.86 -22.95 8.86
N LEU B 342 -36.75 -21.64 8.63
CA LEU B 342 -37.35 -20.67 9.55
C LEU B 342 -38.87 -20.63 9.44
N ALA B 343 -39.40 -21.08 8.30
CA ALA B 343 -40.84 -21.06 8.01
C ALA B 343 -41.51 -22.42 8.27
N GLY B 344 -40.75 -23.39 8.72
CA GLY B 344 -41.23 -24.77 8.85
C GLY B 344 -41.57 -25.49 7.53
N ILE B 345 -40.97 -25.06 6.42
CA ILE B 345 -41.22 -25.68 5.11
C ILE B 345 -40.15 -26.74 4.84
N ALA B 346 -40.56 -27.83 4.19
CA ALA B 346 -39.66 -28.94 3.90
C ALA B 346 -38.88 -28.62 2.63
N VAL B 347 -37.57 -28.88 2.63
CA VAL B 347 -36.70 -28.64 1.48
C VAL B 347 -36.45 -29.96 0.72
N PRO B 348 -36.56 -29.96 -0.62
CA PRO B 348 -36.06 -31.11 -1.42
C PRO B 348 -34.62 -31.56 -1.09
N ALA B 349 -34.41 -32.88 -1.03
CA ALA B 349 -33.10 -33.46 -0.76
C ALA B 349 -32.04 -33.10 -1.82
N GLU B 350 -32.51 -32.87 -3.04
CA GLU B 350 -31.69 -32.38 -4.14
C GLU B 350 -30.85 -31.11 -3.80
N LYS B 351 -31.41 -30.20 -2.99
CA LYS B 351 -30.79 -28.89 -2.75
C LYS B 351 -29.54 -29.04 -1.90
N ALA B 352 -28.42 -28.46 -2.35
CA ALA B 352 -27.10 -28.65 -1.71
C ALA B 352 -26.81 -27.60 -0.62
N GLY B 353 -27.67 -26.60 -0.49
CA GLY B 353 -27.46 -25.59 0.53
C GLY B 353 -27.65 -26.11 1.93
N ILE B 354 -27.09 -25.38 2.91
CA ILE B 354 -27.17 -25.70 4.33
C ILE B 354 -27.91 -24.56 5.05
N SER B 355 -28.84 -24.91 5.95
CA SER B 355 -29.61 -23.93 6.72
C SER B 355 -28.78 -23.27 7.80
N LEU B 356 -28.93 -21.95 7.92
CA LEU B 356 -28.18 -21.17 8.93
C LEU B 356 -29.03 -20.88 10.18
N ALA B 357 -30.28 -21.32 10.17
CA ALA B 357 -31.23 -21.13 11.31
C ALA B 357 -30.68 -21.54 12.68
N PRO B 358 -29.94 -22.66 12.75
CA PRO B 358 -29.22 -22.95 13.98
C PRO B 358 -28.39 -21.77 14.49
N THR B 359 -27.41 -21.30 13.69
CA THR B 359 -26.65 -20.11 14.03
C THR B 359 -27.56 -18.92 14.34
N LEU B 360 -28.63 -18.73 13.58
CA LEU B 360 -29.47 -17.54 13.75
C LEU B 360 -30.19 -17.57 15.09
N ARG B 361 -30.54 -18.79 15.55
CA ARG B 361 -31.22 -19.01 16.84
C ARG B 361 -30.28 -19.10 18.02
N GLY B 362 -28.98 -19.11 17.76
CA GLY B 362 -27.99 -19.29 18.81
C GLY B 362 -27.82 -20.72 19.26
N GLU B 363 -28.32 -21.67 18.47
CA GLU B 363 -28.03 -23.10 18.67
C GLU B 363 -26.71 -23.43 18.00
N LYS B 364 -26.34 -24.71 18.03
CA LYS B 364 -25.08 -25.19 17.44
C LYS B 364 -25.28 -25.50 15.98
N GLN B 365 -24.35 -24.99 15.16
CA GLN B 365 -24.35 -25.22 13.72
C GLN B 365 -23.66 -26.55 13.46
N LYS B 366 -24.45 -27.61 13.45
CA LYS B 366 -23.91 -28.93 13.27
C LYS B 366 -23.40 -29.15 11.84
N LYS B 367 -24.09 -28.65 10.82
CA LYS B 367 -23.60 -28.73 9.43
C LYS B 367 -23.08 -27.40 8.94
N SER B 368 -21.95 -27.44 8.24
CA SER B 368 -21.42 -26.27 7.56
C SER B 368 -20.69 -26.66 6.27
N HIS B 369 -20.43 -25.66 5.42
CA HIS B 369 -19.62 -25.87 4.21
C HIS B 369 -18.13 -25.85 4.57
N PRO B 370 -17.40 -26.89 4.15
CA PRO B 370 -15.94 -26.89 4.34
C PRO B 370 -15.19 -25.91 3.42
N TYR B 371 -15.79 -25.64 2.27
CA TYR B 371 -15.29 -24.63 1.35
C TYR B 371 -16.50 -24.02 0.64
N VAL B 372 -16.33 -22.85 0.02
CA VAL B 372 -17.39 -22.26 -0.79
C VAL B 372 -16.80 -21.91 -2.15
N VAL B 373 -17.64 -21.81 -3.17
CA VAL B 373 -17.19 -21.72 -4.56
C VAL B 373 -17.90 -20.58 -5.28
N SER B 374 -17.25 -20.01 -6.28
CA SER B 374 -17.91 -19.14 -7.24
C SER B 374 -17.42 -19.53 -8.66
N GLU B 375 -18.23 -19.19 -9.65
CA GLU B 375 -17.98 -19.55 -11.04
C GLU B 375 -18.00 -18.32 -11.91
N TRP B 376 -17.16 -18.32 -12.94
CA TRP B 376 -17.27 -17.44 -14.04
C TRP B 376 -17.28 -18.25 -15.32
N HIS B 377 -17.93 -17.67 -16.32
CA HIS B 377 -18.06 -18.18 -17.68
C HIS B 377 -17.88 -17.06 -18.72
N SER B 378 -18.85 -16.13 -18.76
CA SER B 378 -18.88 -15.05 -19.74
C SER B 378 -19.86 -13.99 -19.21
N GLU B 379 -19.79 -12.76 -19.71
CA GLU B 379 -20.82 -11.77 -19.46
C GLU B 379 -21.91 -11.73 -20.53
N TYR B 380 -21.52 -11.42 -21.78
CA TYR B 380 -22.49 -11.31 -22.89
CA TYR B 380 -22.48 -11.29 -22.90
C TYR B 380 -21.97 -12.06 -24.13
N GLU B 381 -21.15 -13.07 -23.92
CA GLU B 381 -20.63 -13.95 -24.97
C GLU B 381 -19.65 -13.36 -26.00
N TYR B 382 -19.07 -12.19 -25.73
CA TYR B 382 -17.93 -11.70 -26.51
C TYR B 382 -16.68 -12.50 -26.19
N VAL B 383 -16.44 -12.72 -24.89
CA VAL B 383 -15.30 -13.50 -24.44
C VAL B 383 -15.75 -14.50 -23.40
N THR B 384 -15.44 -15.75 -23.64
CA THR B 384 -15.78 -16.82 -22.74
C THR B 384 -14.49 -17.41 -22.20
N THR B 385 -14.25 -17.16 -20.92
CA THR B 385 -13.03 -17.53 -20.30
C THR B 385 -13.34 -18.03 -18.93
N PRO B 386 -13.84 -19.27 -18.87
CA PRO B 386 -14.34 -19.83 -17.63
C PRO B 386 -13.28 -19.98 -16.56
N GLY B 387 -13.71 -19.82 -15.31
CA GLY B 387 -12.84 -19.93 -14.14
C GLY B 387 -13.66 -20.38 -12.96
N ARG B 388 -12.98 -20.81 -11.90
CA ARG B 388 -13.65 -21.25 -10.68
C ARG B 388 -12.89 -20.72 -9.49
N MSE B 389 -13.61 -20.41 -8.42
CA MSE B 389 -13.00 -19.98 -7.18
C MSE B 389 -13.34 -20.99 -6.12
O MSE B 389 -14.53 -21.38 -5.99
CB MSE B 389 -13.58 -18.64 -6.73
CG MSE B 389 -13.03 -18.11 -5.41
SE MSE B 389 -14.22 -16.95 -4.37
CE MSE B 389 -15.39 -18.33 -3.62
N VAL B 390 -12.36 -21.42 -5.33
CA VAL B 390 -12.63 -22.17 -4.10
C VAL B 390 -12.13 -21.37 -2.92
N ARG B 391 -13.05 -20.96 -2.04
CA ARG B 391 -12.66 -20.31 -0.80
C ARG B 391 -12.61 -21.35 0.32
N GLY B 392 -11.42 -21.59 0.84
CA GLY B 392 -11.24 -22.45 1.99
C GLY B 392 -11.42 -21.68 3.30
N PRO B 393 -11.20 -22.37 4.43
CA PRO B 393 -11.22 -21.74 5.73
C PRO B 393 -10.21 -20.63 5.88
N ARG B 394 -9.06 -20.77 5.27
CA ARG B 394 -8.08 -19.72 5.33
C ARG B 394 -7.63 -19.10 4.00
N TYR B 395 -7.48 -19.93 2.96
CA TYR B 395 -6.97 -19.43 1.68
C TYR B 395 -8.08 -19.38 0.64
N LYS B 396 -7.90 -18.51 -0.35
CA LYS B 396 -8.76 -18.50 -1.53
C LYS B 396 -7.94 -18.93 -2.75
N TYR B 397 -8.46 -19.94 -3.42
CA TYR B 397 -7.91 -20.47 -4.65
C TYR B 397 -8.79 -20.10 -5.85
N THR B 398 -8.17 -19.61 -6.93
CA THR B 398 -8.86 -19.48 -8.20
C THR B 398 -8.12 -20.27 -9.29
N HIS B 399 -8.89 -20.81 -10.22
CA HIS B 399 -8.37 -21.39 -11.45
C HIS B 399 -9.11 -20.83 -12.68
N TYR B 400 -8.34 -20.53 -13.74
CA TYR B 400 -8.89 -20.15 -15.04
C TYR B 400 -8.38 -21.07 -16.17
N LEU B 401 -9.28 -21.53 -17.04
CA LEU B 401 -8.87 -22.43 -18.11
C LEU B 401 -7.90 -21.74 -19.06
N GLU B 402 -8.18 -20.49 -19.41
CA GLU B 402 -7.28 -19.72 -20.27
C GLU B 402 -5.87 -19.58 -19.67
N GLY B 403 -4.95 -20.39 -20.17
CA GLY B 403 -3.53 -20.36 -19.76
C GLY B 403 -3.26 -21.13 -18.50
N ASN B 404 -4.20 -21.99 -18.10
CA ASN B 404 -4.19 -22.62 -16.77
C ASN B 404 -3.70 -21.72 -15.61
N GLY B 405 -4.16 -20.47 -15.60
CA GLY B 405 -3.84 -19.51 -14.55
C GLY B 405 -4.49 -19.84 -13.19
N GLU B 406 -3.71 -19.66 -12.13
CA GLU B 406 -4.17 -19.91 -10.78
C GLU B 406 -3.81 -18.77 -9.89
N GLU B 407 -4.66 -18.57 -8.87
CA GLU B 407 -4.35 -17.67 -7.74
C GLU B 407 -4.49 -18.36 -6.37
N LEU B 408 -3.71 -17.89 -5.40
CA LEU B 408 -3.86 -18.36 -4.03
C LEU B 408 -3.59 -17.18 -3.11
N TYR B 409 -4.58 -16.82 -2.29
CA TYR B 409 -4.46 -15.70 -1.35
C TYR B 409 -4.71 -16.15 0.07
N ASP B 410 -3.90 -15.64 0.98
CA ASP B 410 -4.05 -15.91 2.39
C ASP B 410 -5.05 -14.93 2.94
N MSE B 411 -6.28 -15.38 3.19
CA MSE B 411 -7.34 -14.44 3.62
C MSE B 411 -7.18 -13.96 5.08
O MSE B 411 -7.91 -13.06 5.52
CB MSE B 411 -8.73 -15.06 3.44
CG MSE B 411 -9.08 -15.50 2.02
SE MSE B 411 -8.69 -14.13 0.70
CE MSE B 411 -9.91 -12.68 1.18
N LYS B 412 -6.26 -14.57 5.82
CA LYS B 412 -6.01 -14.18 7.19
C LYS B 412 -4.98 -13.05 7.25
N LYS B 413 -3.83 -13.24 6.61
CA LYS B 413 -2.78 -12.24 6.60
C LYS B 413 -2.90 -11.24 5.43
N ASP B 414 -3.64 -11.58 4.39
CA ASP B 414 -3.70 -10.75 3.19
C ASP B 414 -5.15 -10.71 2.71
N PRO B 415 -6.04 -10.11 3.52
CA PRO B 415 -7.48 -10.05 3.20
C PRO B 415 -7.82 -9.12 2.02
N GLY B 416 -6.89 -8.22 1.68
CA GLY B 416 -7.02 -7.40 0.47
C GLY B 416 -6.55 -8.09 -0.80
N GLU B 417 -6.11 -9.35 -0.67
CA GLU B 417 -5.65 -10.17 -1.80
C GLU B 417 -4.59 -9.53 -2.71
N ARG B 418 -3.51 -9.00 -2.13
CA ARG B 418 -2.47 -8.30 -2.90
C ARG B 418 -1.37 -9.23 -3.43
N LYS B 419 -1.14 -10.34 -2.73
CA LYS B 419 0.00 -11.20 -3.03
C LYS B 419 -0.51 -12.57 -3.43
N ASN B 420 -0.50 -12.81 -4.73
CA ASN B 420 -0.76 -14.12 -5.23
C ASN B 420 0.40 -15.03 -4.85
N LEU B 421 0.07 -16.15 -4.21
CA LEU B 421 1.05 -17.07 -3.62
C LEU B 421 1.25 -18.30 -4.48
N ALA B 422 0.40 -18.48 -5.50
CA ALA B 422 0.36 -19.72 -6.35
C ALA B 422 1.69 -20.20 -6.99
N LYS B 423 2.57 -19.29 -7.38
CA LYS B 423 3.90 -19.63 -7.92
C LYS B 423 5.02 -19.79 -6.86
N ASP B 424 4.74 -19.50 -5.60
CA ASP B 424 5.71 -19.61 -4.51
C ASP B 424 5.77 -21.08 -4.06
N PRO B 425 6.96 -21.71 -4.14
CA PRO B 425 7.09 -23.16 -3.80
C PRO B 425 6.79 -23.52 -2.36
N LYS B 426 7.00 -22.58 -1.44
CA LYS B 426 6.58 -22.76 -0.04
C LYS B 426 5.10 -23.16 0.03
N TYR B 427 4.31 -22.68 -0.93
CA TYR B 427 2.87 -22.90 -0.87
C TYR B 427 2.37 -24.09 -1.63
N SER B 428 3.28 -24.83 -2.31
CA SER B 428 2.89 -25.98 -3.15
C SER B 428 1.96 -26.98 -2.50
N LYS B 429 2.14 -27.28 -1.22
CA LYS B 429 1.25 -28.25 -0.60
C LYS B 429 -0.14 -27.65 -0.34
N ILE B 430 -0.16 -26.39 0.07
CA ILE B 430 -1.44 -25.66 0.20
C ILE B 430 -2.14 -25.58 -1.17
N LEU B 431 -1.45 -25.13 -2.22
CA LEU B 431 -2.00 -25.15 -3.58
C LEU B 431 -2.59 -26.49 -3.98
N ALA B 432 -1.83 -27.56 -3.74
CA ALA B 432 -2.28 -28.92 -4.04
C ALA B 432 -3.56 -29.30 -3.34
N GLU B 433 -3.69 -28.90 -2.08
CA GLU B 433 -4.85 -29.21 -1.29
C GLU B 433 -6.14 -28.52 -1.84
N HIS B 434 -5.98 -27.32 -2.36
CA HIS B 434 -7.10 -26.52 -2.83
C HIS B 434 -7.57 -26.93 -4.25
N ARG B 435 -6.62 -27.36 -5.06
CA ARG B 435 -6.93 -28.01 -6.33
C ARG B 435 -7.80 -29.22 -6.09
N ALA B 436 -7.44 -29.99 -5.08
CA ALA B 436 -8.18 -31.20 -4.71
C ALA B 436 -9.58 -30.90 -4.20
N LEU B 437 -9.75 -29.73 -3.59
CA LEU B 437 -11.07 -29.19 -3.26
C LEU B 437 -11.85 -28.77 -4.54
N LEU B 438 -11.19 -28.13 -5.50
CA LEU B 438 -11.87 -27.88 -6.79
C LEU B 438 -12.29 -29.21 -7.43
N ASP B 439 -11.40 -30.19 -7.47
CA ASP B 439 -11.77 -31.55 -7.94
C ASP B 439 -12.95 -32.17 -7.18
N ASP B 440 -12.98 -32.05 -5.88
CA ASP B 440 -14.13 -32.48 -5.08
C ASP B 440 -15.42 -31.78 -5.56
N TYR B 441 -15.34 -30.46 -5.72
CA TYR B 441 -16.52 -29.67 -6.11
C TYR B 441 -17.02 -30.12 -7.47
N ILE B 442 -16.08 -30.26 -8.40
CA ILE B 442 -16.36 -30.69 -9.77
C ILE B 442 -17.04 -32.06 -9.81
N THR B 443 -16.56 -32.99 -8.98
CA THR B 443 -17.16 -34.32 -8.84
C THR B 443 -18.55 -34.28 -8.18
N ARG B 444 -18.64 -33.76 -6.95
CA ARG B 444 -19.95 -33.70 -6.25
C ARG B 444 -21.01 -32.87 -6.97
N SER B 445 -20.61 -31.77 -7.63
CA SER B 445 -21.60 -30.88 -8.26
C SER B 445 -21.88 -31.21 -9.72
N LYS B 446 -21.11 -32.16 -10.30
CA LYS B 446 -21.25 -32.58 -11.73
C LYS B 446 -20.94 -31.41 -12.66
N ASP B 447 -19.82 -30.76 -12.37
CA ASP B 447 -19.36 -29.63 -13.13
C ASP B 447 -18.65 -30.13 -14.37
N ASP B 448 -19.02 -29.53 -15.50
CA ASP B 448 -18.34 -29.69 -16.78
C ASP B 448 -17.18 -28.70 -16.98
N TYR B 449 -16.78 -28.00 -15.90
CA TYR B 449 -15.65 -27.06 -15.97
C TYR B 449 -14.51 -27.51 -16.90
N ARG B 450 -14.04 -28.74 -16.69
CA ARG B 450 -12.82 -29.19 -17.38
C ARG B 450 -12.97 -29.32 -18.92
N SER B 451 -14.21 -29.51 -19.40
CA SER B 451 -14.54 -29.67 -20.85
C SER B 451 -14.89 -28.38 -21.61
N LEU B 452 -14.96 -27.24 -20.94
CA LEU B 452 -15.39 -26.01 -21.57
C LEU B 452 -14.31 -25.45 -22.48
N LYS B 453 -14.74 -24.65 -23.45
CA LYS B 453 -13.85 -24.07 -24.41
C LYS B 453 -13.73 -22.58 -24.14
N VAL B 454 -12.52 -22.06 -24.38
CA VAL B 454 -12.19 -20.69 -24.20
C VAL B 454 -12.31 -20.01 -25.57
N ASP B 455 -13.14 -18.99 -25.64
CA ASP B 455 -13.24 -18.12 -26.77
C ASP B 455 -12.75 -16.75 -26.34
N ALA B 456 -11.49 -16.46 -26.62
CA ALA B 456 -10.88 -15.20 -26.22
C ALA B 456 -9.97 -14.74 -27.35
N ASP B 457 -10.44 -13.77 -28.10
CA ASP B 457 -9.72 -13.21 -29.24
C ASP B 457 -8.36 -12.61 -28.79
N PRO B 458 -7.27 -13.03 -29.45
CA PRO B 458 -5.94 -12.55 -29.10
C PRO B 458 -5.72 -11.07 -29.27
N ARG B 459 -6.65 -10.38 -29.92
CA ARG B 459 -6.62 -8.92 -29.98
C ARG B 459 -7.02 -8.30 -28.65
N CYS B 460 -7.64 -9.11 -27.80
CA CYS B 460 -7.97 -8.72 -26.44
C CYS B 460 -6.93 -9.19 -25.44
N ARG B 461 -5.75 -9.56 -25.92
CA ARG B 461 -4.65 -10.09 -25.11
C ARG B 461 -3.32 -9.70 -25.74
N ASN B 462 -3.25 -8.47 -26.22
CA ASN B 462 -2.22 -8.06 -27.14
C ASN B 462 -1.23 -7.06 -26.54
N HIS B 463 -1.76 -6.04 -25.90
CA HIS B 463 -0.90 -5.03 -25.31
C HIS B 463 -0.09 -5.51 -24.07
N THR B 464 0.83 -4.67 -23.60
CA THR B 464 1.62 -4.92 -22.39
C THR B 464 0.68 -5.07 -21.22
N PRO B 465 0.81 -6.17 -20.45
CA PRO B 465 -0.16 -6.43 -19.37
C PRO B 465 -0.38 -5.20 -18.48
N GLY B 466 -1.62 -4.97 -18.08
CA GLY B 466 -1.92 -3.84 -17.20
C GLY B 466 -2.95 -2.89 -17.77
N TYR B 467 -3.93 -2.52 -16.94
CA TYR B 467 -5.01 -1.68 -17.45
C TYR B 467 -4.47 -0.30 -17.91
N PRO B 468 -3.48 0.25 -17.21
CA PRO B 468 -2.97 1.53 -17.71
C PRO B 468 -2.33 1.53 -19.09
N SER B 469 -1.88 0.37 -19.56
CA SER B 469 -1.24 0.24 -20.88
C SER B 469 -2.23 -0.21 -21.93
N HIS B 470 -3.52 -0.19 -21.59
CA HIS B 470 -4.53 -0.64 -22.49
C HIS B 470 -4.60 0.21 -23.77
N GLU B 471 -4.70 -0.46 -24.91
CA GLU B 471 -4.85 0.19 -26.21
C GLU B 471 -6.08 -0.39 -26.91
N GLY B 472 -6.90 0.50 -27.46
CA GLY B 472 -8.04 0.09 -28.26
C GLY B 472 -9.43 0.19 -27.63
N PRO B 473 -10.47 -0.14 -28.41
CA PRO B 473 -11.86 0.11 -28.00
C PRO B 473 -12.52 -1.04 -27.18
N GLY B 474 -11.90 -2.22 -27.14
CA GLY B 474 -12.39 -3.32 -26.33
C GLY B 474 -13.23 -4.29 -27.11
N ALA B 475 -13.37 -5.52 -26.57
CA ALA B 475 -14.11 -6.63 -27.21
C ALA B 475 -15.52 -6.23 -27.73
N ARG B 476 -16.27 -5.50 -26.94
CA ARG B 476 -17.62 -5.12 -27.32
CA ARG B 476 -17.61 -5.06 -27.29
C ARG B 476 -17.62 -4.35 -28.66
N GLU B 477 -16.64 -3.48 -28.89
CA GLU B 477 -16.55 -2.70 -30.16
C GLU B 477 -16.01 -3.47 -31.39
N ILE B 478 -15.13 -4.47 -31.20
CA ILE B 478 -14.47 -5.17 -32.33
C ILE B 478 -14.87 -6.65 -32.57
N LEU B 479 -15.55 -7.28 -31.61
CA LEU B 479 -15.86 -8.71 -31.66
C LEU B 479 -17.37 -8.96 -31.85
N LYS B 480 -17.69 -10.18 -32.29
CA LYS B 480 -19.06 -10.65 -32.37
C LYS B 480 -19.29 -11.57 -31.18
N ARG B 481 -20.55 -11.97 -30.98
CA ARG B 481 -20.93 -12.89 -29.91
C ARG B 481 -21.08 -14.35 -30.39
ZN ZN C . 32.83 13.00 -17.19
CL CL D . 31.85 21.02 -6.29
C1 EDO E . 49.79 2.13 8.58
O1 EDO E . 48.52 2.09 7.91
C2 EDO E . 50.30 3.57 8.74
O2 EDO E . 49.90 4.34 7.63
C1 EDO F . 6.49 10.85 10.94
O1 EDO F . 6.61 11.06 9.52
C2 EDO F . 7.57 11.64 11.69
O2 EDO F . 8.83 11.43 11.06
C1 EDO G . 29.95 -7.39 12.40
O1 EDO G . 28.91 -8.36 12.18
C2 EDO G . 30.79 -7.75 13.61
O2 EDO G . 32.01 -7.02 13.55
C1 EDO H . 1.21 1.08 -11.84
O1 EDO H . 2.16 0.02 -11.71
C2 EDO H . 0.08 0.53 -12.69
O2 EDO H . -0.31 -0.77 -12.22
C1 EDO I . 43.99 14.64 12.78
O1 EDO I . 44.68 13.47 12.30
C2 EDO I . 43.33 15.30 11.58
O2 EDO I . 43.57 14.42 10.47
C1 EDO J . 16.61 6.14 -16.09
O1 EDO J . 15.69 5.05 -16.11
C2 EDO J . 17.78 5.76 -16.98
O2 EDO J . 18.39 4.55 -16.53
C1 EDO K . 26.28 -4.40 -0.70
O1 EDO K . 26.80 -3.13 -0.28
C2 EDO K . 26.08 -5.32 0.48
O2 EDO K . 26.85 -4.85 1.61
C1 EDO L . 28.68 34.79 6.35
O1 EDO L . 29.59 33.80 5.84
C2 EDO L . 29.36 35.65 7.42
O2 EDO L . 30.77 35.38 7.45
C1 EDO M . 17.96 -1.42 28.59
O1 EDO M . 17.68 -0.09 28.20
C2 EDO M . 16.86 -1.86 29.52
O2 EDO M . 15.66 -1.22 29.13
C1 EDO N . 13.86 14.51 -17.96
O1 EDO N . 14.41 15.83 -17.78
C2 EDO N . 14.98 13.47 -18.08
O2 EDO N . 16.03 13.70 -17.13
C1 EDO O . 48.24 -2.97 2.71
O1 EDO O . 47.61 -4.24 2.71
C2 EDO O . 47.24 -1.95 2.20
O2 EDO O . 46.41 -2.64 1.25
C1 EDO P . 0.15 4.39 -13.28
O1 EDO P . 0.37 4.11 -14.68
C2 EDO P . -0.38 5.80 -13.10
O2 EDO P . -1.38 5.79 -12.07
C1 EDO Q . 16.68 -1.45 3.03
O1 EDO Q . 15.54 -2.32 3.01
C2 EDO Q . 17.85 -2.22 2.43
O2 EDO Q . 18.66 -1.39 1.62
C1 EDO R . 37.10 -5.66 9.87
O1 EDO R . 36.65 -6.97 10.24
C2 EDO R . 38.46 -5.34 10.51
O2 EDO R . 38.29 -5.08 11.90
C1 PEG S . 13.73 16.91 32.71
O1 PEG S . 12.38 16.98 32.26
C2 PEG S . 14.55 18.04 32.09
O2 PEG S . 15.95 17.81 32.35
C3 PEG S . 16.29 17.93 33.75
C4 PEG S . 17.69 17.41 34.04
O4 PEG S . 17.61 16.68 35.27
ZN ZN T . -6.67 -4.09 -22.45
CL CL U . -18.41 -11.07 -22.63
N1 EPE V . -2.84 3.73 -0.78
C2 EPE V . -4.21 4.30 -0.82
C3 EPE V . -4.42 5.36 0.27
N4 EPE V . -4.16 4.76 1.57
C5 EPE V . -2.77 4.34 1.61
C6 EPE V . -2.49 3.27 0.57
C7 EPE V . -4.53 5.64 2.69
C8 EPE V . -3.86 7.01 2.72
O8 EPE V . -4.58 7.94 1.93
C9 EPE V . -2.79 2.60 -1.73
C10 EPE V . -1.57 2.75 -2.62
S EPE V . -1.03 1.20 -3.40
O1S EPE V . 0.20 1.47 -4.12
O2S EPE V . -2.13 0.76 -4.25
O3S EPE V . -0.77 0.16 -2.42
N1 EPE W . 7.92 -6.07 -10.36
C2 EPE W . 8.11 -5.16 -9.21
C3 EPE W . 8.54 -5.91 -7.96
N4 EPE W . 7.82 -7.17 -7.86
C5 EPE W . 8.34 -8.07 -8.88
C6 EPE W . 8.61 -7.37 -10.21
C7 EPE W . 7.92 -7.76 -6.54
C8 EPE W . 6.88 -7.20 -5.56
O8 EPE W . 5.57 -7.63 -5.90
C9 EPE W . 6.53 -6.16 -10.83
C10 EPE W . 6.13 -4.94 -11.65
S EPE W . 4.67 -5.11 -12.75
O1S EPE W . 4.52 -3.89 -13.51
O2S EPE W . 3.43 -5.14 -11.98
O3S EPE W . 4.81 -6.32 -13.62
N1 EPE X . -24.46 -4.65 -17.11
C2 EPE X . -25.86 -4.17 -17.09
C3 EPE X . -26.39 -4.34 -15.69
N4 EPE X . -26.41 -5.75 -15.45
C5 EPE X . -25.04 -6.09 -15.15
C6 EPE X . -24.15 -5.89 -16.36
C7 EPE X . -27.39 -6.16 -14.44
C8 EPE X . -28.83 -5.79 -14.84
O8 EPE X . -28.97 -5.66 -16.24
C9 EPE X . -24.02 -4.75 -18.50
C10 EPE X . -23.37 -3.45 -18.90
S EPE X . -23.01 -2.43 -17.46
O1S EPE X . -23.91 -1.27 -17.55
O2S EPE X . -21.61 -2.04 -17.39
O3S EPE X . -23.30 -3.19 -16.25
C1 EDO Y . -23.85 -22.37 6.32
O1 EDO Y . -23.57 -21.68 5.13
C2 EDO Y . -22.96 -23.59 6.44
O2 EDO Y . -21.58 -23.24 6.64
C1 EDO Z . 0.01 -18.04 -11.83
O1 EDO Z . -0.44 -19.04 -12.76
C2 EDO Z . -0.40 -16.65 -12.31
O2 EDO Z . -1.46 -16.84 -13.25
C1 EDO AA . -15.53 -23.56 8.08
O1 EDO AA . -14.48 -24.51 7.84
C2 EDO AA . -16.89 -24.25 8.20
O2 EDO AA . -17.88 -23.44 7.57
C1 EDO BA . -8.44 -5.03 -27.82
O1 EDO BA . -9.44 -5.26 -26.83
C2 EDO BA . -8.64 -3.64 -28.39
O2 EDO BA . -9.40 -2.90 -27.43
C1 EDO CA . -27.95 10.33 -1.58
O1 EDO CA . -29.24 10.71 -2.05
C2 EDO CA . -27.32 11.51 -0.85
O2 EDO CA . -28.01 11.79 0.39
C1 EDO DA . -39.90 11.03 9.80
O1 EDO DA . -38.82 10.10 9.66
C2 EDO DA . -41.17 10.46 9.16
O2 EDO DA . -41.34 9.07 9.48
C1 EDO EA . -49.53 -7.61 -5.51
O1 EDO EA . -48.99 -6.50 -4.79
C2 EDO EA . -48.63 -7.94 -6.69
O2 EDO EA . -47.32 -8.27 -6.19
C1 EDO FA . -13.72 -19.08 8.77
O1 EDO FA . -12.33 -18.84 9.03
C2 EDO FA . -13.89 -20.43 8.12
O2 EDO FA . -12.99 -21.38 8.73
C1 EDO GA . -10.77 -15.33 7.16
O1 EDO GA . -11.43 -16.57 6.85
C2 EDO GA . -9.57 -15.60 8.07
O2 EDO GA . -9.26 -17.00 8.07
C1 EDO HA . -11.02 -17.02 -30.61
O1 EDO HA . -10.58 -15.94 -31.43
C2 EDO HA . -12.25 -17.69 -31.23
O2 EDO HA . -12.45 -19.03 -30.74
C1 EDO IA . -38.67 -8.87 15.84
O1 EDO IA . -39.15 -7.75 15.05
C2 EDO IA . -38.27 -8.44 17.25
O2 EDO IA . -39.13 -7.38 17.70
C1 PEG JA . -39.24 2.40 11.85
O1 PEG JA . -39.14 3.78 12.15
C2 PEG JA . -38.16 2.07 10.84
O2 PEG JA . -37.44 0.95 11.29
C3 PEG JA . -36.08 1.04 10.90
C4 PEG JA . -35.33 -0.26 11.18
O4 PEG JA . -33.92 0.00 11.04
C1 PEG KA . -50.36 -20.93 6.18
O1 PEG KA . -50.90 -20.47 7.43
C2 PEG KA . -48.84 -20.91 6.27
O2 PEG KA . -48.31 -22.19 6.57
C3 PEG KA . -46.90 -22.25 6.36
C4 PEG KA . -46.38 -23.67 6.58
O4 PEG KA . -45.32 -23.61 7.52
#